data_6LWB
#
_entry.id   6LWB
#
_cell.length_a   73.807
_cell.length_b   109.236
_cell.length_c   169.402
_cell.angle_alpha   90.000
_cell.angle_beta   90.000
_cell.angle_gamma   90.000
#
_symmetry.space_group_name_H-M   'P 21 21 21'
#
loop_
_entity.id
_entity.type
_entity.pdbx_description
1 polymer 'Endonuclease 8-like 1'
2 polymer "DNA (5'-D(*CP*GP*TP*CP*CP*AP*(OHU)P*GP*TP*CP*TP*AP*C)-3')"
3 polymer "DNA (5'-D(*TP*AP*GP*AP*CP*CP*TP*GP*GP*AP*CP*GP*G)-3')"
4 water water
#
loop_
_entity_poly.entity_id
_entity_poly.type
_entity_poly.pdbx_seq_one_letter_code
_entity_poly.pdbx_strand_id
1 'polypeptide(L)'
;MGQGPELHLASQFVNEACRALVFGGCVEKSSVSRNPEVPFESSAYRISASARGKELRLILSPLPGAQPQQEPLALVFRFG
MSGSFQLVPREELPRHAHLRFYTAPPGPRLALCFVDIRRFGRWDLGGKWQPGRGPCVLQEYQQFRENVLRNLADKAFDRP
ICEALLDQRFFNGIGNYLRAEILYRLKIPPFEKARSVLEALQQHRPSPELTLSQKIRTKLQNPDLLELCHSVPKEVVQLG
GRGYGSESGEEDFAAFRAWLRCYGMPGMSSLQDRHGRTIWFQGDPGPLAPKGRKS
;
A,D,G
2 'polydeoxyribonucleotide' (DC)(DG)(DT)(DC)(DC)(DA)(OHU)(DG)(DT)(DC)(DT)(DA)(DC) B,E,H
3 'polydeoxyribonucleotide' (DT)(DA)(DG)(DA)(DC)(DC)(DT)(DG)(DG)(DA)(DC)(DG)(DG) C,F,I
#
# COMPACT_ATOMS: atom_id res chain seq x y z
N GLY A 2 1.21 3.25 -25.48
CA GLY A 2 0.49 4.50 -25.19
C GLY A 2 1.05 5.12 -23.91
N GLN A 3 0.73 6.40 -23.72
CA GLN A 3 1.08 7.16 -22.53
C GLN A 3 -0.22 7.43 -21.83
N GLY A 4 -0.15 8.18 -20.74
CA GLY A 4 -1.31 8.43 -19.91
C GLY A 4 -2.50 8.82 -20.75
N PRO A 5 -2.40 9.80 -21.65
CA PRO A 5 -3.59 10.28 -22.37
C PRO A 5 -4.24 9.17 -23.22
N GLU A 6 -3.42 8.29 -23.82
CA GLU A 6 -3.92 7.22 -24.72
C GLU A 6 -4.63 6.16 -23.87
N LEU A 7 -4.05 5.79 -22.73
CA LEU A 7 -4.66 4.83 -21.77
C LEU A 7 -6.00 5.40 -21.29
N HIS A 8 -6.01 6.66 -20.91
CA HIS A 8 -7.26 7.33 -20.46
C HIS A 8 -8.32 7.29 -21.57
N LEU A 9 -7.97 7.69 -22.80
CA LEU A 9 -8.93 7.73 -23.95
C LEU A 9 -9.41 6.31 -24.30
N ALA A 10 -8.54 5.31 -24.24
CA ALA A 10 -8.89 3.89 -24.46
C ALA A 10 -9.96 3.47 -23.42
N SER A 11 -9.79 3.84 -22.15
CA SER A 11 -10.74 3.50 -21.06
C SER A 11 -12.09 4.20 -21.31
N GLN A 12 -12.09 5.45 -21.78
CA GLN A 12 -13.32 6.21 -22.15
C GLN A 12 -13.99 5.50 -23.33
N PHE A 13 -13.19 4.98 -24.24
CA PHE A 13 -13.71 4.30 -25.47
C PHE A 13 -14.48 3.04 -25.05
N VAL A 14 -13.84 2.21 -24.22
CA VAL A 14 -14.42 0.96 -23.68
C VAL A 14 -15.73 1.29 -22.96
N ASN A 15 -15.76 2.32 -22.12
CA ASN A 15 -16.97 2.66 -21.35
C ASN A 15 -18.09 3.11 -22.29
N GLU A 16 -17.81 3.99 -23.25
CA GLU A 16 -18.86 4.57 -24.16
C GLU A 16 -19.32 3.52 -25.17
N ALA A 17 -18.40 2.73 -25.72
CA ALA A 17 -18.74 1.80 -26.82
C ALA A 17 -19.46 0.60 -26.23
N CYS A 18 -19.22 0.28 -24.96
CA CYS A 18 -19.72 -0.96 -24.33
C CYS A 18 -20.93 -0.64 -23.45
N ARG A 19 -21.35 0.62 -23.41
CA ARG A 19 -22.41 1.07 -22.48
C ARG A 19 -23.66 0.25 -22.72
N ALA A 20 -24.02 0.01 -23.98
CA ALA A 20 -25.29 -0.67 -24.31
C ALA A 20 -25.02 -2.06 -24.90
N LEU A 21 -23.84 -2.61 -24.66
CA LEU A 21 -23.48 -3.97 -25.11
C LEU A 21 -23.53 -4.92 -23.94
N VAL A 22 -23.78 -6.19 -24.25
CA VAL A 22 -23.75 -7.37 -23.35
C VAL A 22 -22.86 -8.44 -23.96
N PHE A 23 -21.83 -8.90 -23.24
CA PHE A 23 -20.89 -9.94 -23.69
C PHE A 23 -21.36 -11.30 -23.16
N GLY A 24 -20.94 -12.35 -23.84
CA GLY A 24 -21.25 -13.76 -23.57
C GLY A 24 -20.12 -14.68 -23.93
N GLY A 25 -20.00 -15.79 -23.22
CA GLY A 25 -19.03 -16.85 -23.50
C GLY A 25 -17.72 -16.57 -22.78
N CYS A 26 -16.63 -17.04 -23.38
CA CYS A 26 -15.27 -16.99 -22.82
C CYS A 26 -14.51 -15.78 -23.36
N VAL A 27 -13.34 -15.61 -22.78
CA VAL A 27 -12.35 -14.60 -23.20
C VAL A 27 -11.27 -15.29 -24.03
N GLU A 28 -11.21 -14.98 -25.31
CA GLU A 28 -10.34 -15.68 -26.29
C GLU A 28 -9.01 -14.93 -26.41
N LYS A 29 -7.91 -15.65 -26.19
CA LYS A 29 -6.52 -15.23 -26.40
C LYS A 29 -6.04 -15.81 -27.73
N SER A 30 -5.27 -15.07 -28.52
CA SER A 30 -4.55 -15.60 -29.71
C SER A 30 -3.55 -16.66 -29.24
N SER A 31 -3.17 -17.61 -30.10
CA SER A 31 -2.27 -18.73 -29.70
C SER A 31 -0.83 -18.23 -29.50
N VAL A 32 -0.42 -17.13 -30.12
CA VAL A 32 0.98 -16.62 -30.06
C VAL A 32 1.22 -15.73 -28.83
N SER A 33 0.20 -15.13 -28.21
CA SER A 33 0.37 -14.30 -27.00
C SER A 33 0.95 -15.13 -25.83
N ARG A 34 2.04 -14.65 -25.23
CA ARG A 34 2.71 -15.23 -24.04
C ARG A 34 2.04 -14.75 -22.75
N ASN A 35 1.03 -13.90 -22.85
CA ASN A 35 0.21 -13.46 -21.69
C ASN A 35 -0.73 -14.59 -21.29
N PRO A 36 -1.25 -14.59 -20.04
CA PRO A 36 -2.04 -15.72 -19.56
C PRO A 36 -3.45 -15.80 -20.15
N GLU A 37 -3.97 -17.03 -20.29
CA GLU A 37 -5.40 -17.25 -20.57
C GLU A 37 -6.21 -16.61 -19.43
N VAL A 38 -7.35 -16.02 -19.78
CA VAL A 38 -8.30 -15.38 -18.84
C VAL A 38 -9.39 -16.40 -18.52
N PRO A 39 -9.36 -17.03 -17.31
CA PRO A 39 -10.34 -18.05 -16.95
C PRO A 39 -11.63 -17.35 -16.53
N PHE A 40 -12.51 -17.11 -17.50
CA PHE A 40 -13.80 -16.40 -17.32
C PHE A 40 -14.79 -16.91 -18.35
N GLU A 41 -15.99 -17.31 -17.91
CA GLU A 41 -17.16 -17.54 -18.78
C GLU A 41 -18.43 -17.01 -18.06
N SER A 42 -19.31 -16.37 -18.87
CA SER A 42 -20.65 -15.87 -18.47
C SER A 42 -21.57 -15.72 -19.69
N SER A 43 -22.85 -16.12 -19.56
CA SER A 43 -23.91 -16.01 -20.60
C SER A 43 -24.19 -14.54 -20.91
N ALA A 44 -23.89 -13.66 -19.95
CA ALA A 44 -24.25 -12.23 -20.02
C ALA A 44 -23.38 -11.40 -19.06
N TYR A 45 -22.38 -10.66 -19.55
CA TYR A 45 -21.56 -9.74 -18.71
C TYR A 45 -21.37 -8.40 -19.43
N ARG A 46 -21.18 -7.35 -18.63
CA ARG A 46 -20.86 -5.97 -19.08
C ARG A 46 -19.39 -5.70 -18.82
N ILE A 47 -18.77 -4.91 -19.70
CA ILE A 47 -17.33 -4.53 -19.63
C ILE A 47 -17.22 -3.04 -19.37
N SER A 48 -16.48 -2.65 -18.35
CA SER A 48 -16.18 -1.23 -18.03
C SER A 48 -14.68 -1.10 -17.77
N ALA A 49 -14.16 0.13 -17.69
CA ALA A 49 -12.71 0.37 -17.66
C ALA A 49 -12.40 1.58 -16.78
N SER A 50 -11.17 1.62 -16.29
CA SER A 50 -10.57 2.86 -15.72
C SER A 50 -9.09 2.82 -16.07
N ALA A 51 -8.49 4.00 -16.20
CA ALA A 51 -7.06 4.16 -16.44
C ALA A 51 -6.41 4.69 -15.17
N ARG A 52 -5.22 4.21 -14.89
CA ARG A 52 -4.30 4.85 -13.93
C ARG A 52 -2.93 4.91 -14.57
N GLY A 53 -2.49 6.11 -14.96
CA GLY A 53 -1.17 6.27 -15.58
C GLY A 53 -1.15 5.49 -16.88
N LYS A 54 -0.14 4.64 -17.04
CA LYS A 54 0.10 3.84 -18.25
C LYS A 54 -0.53 2.45 -18.11
N GLU A 55 -1.53 2.28 -17.26
CA GLU A 55 -2.24 0.99 -17.05
C GLU A 55 -3.73 1.20 -17.25
N LEU A 56 -4.41 0.16 -17.72
CA LEU A 56 -5.87 0.20 -17.92
C LEU A 56 -6.45 -1.02 -17.23
N ARG A 57 -7.50 -0.84 -16.46
CA ARG A 57 -8.17 -1.95 -15.76
C ARG A 57 -9.52 -2.18 -16.43
N LEU A 58 -9.74 -3.40 -16.95
CA LEU A 58 -11.09 -3.85 -17.41
C LEU A 58 -11.76 -4.57 -16.25
N ILE A 59 -13.06 -4.31 -16.03
CA ILE A 59 -13.88 -5.16 -15.13
C ILE A 59 -14.93 -5.90 -15.98
N LEU A 60 -14.95 -7.23 -15.88
CA LEU A 60 -15.97 -8.12 -16.48
C LEU A 60 -17.03 -8.44 -15.41
N SER A 61 -18.25 -7.92 -15.63
CA SER A 61 -19.35 -7.91 -14.63
C SER A 61 -20.57 -8.69 -15.12
N PRO A 62 -20.74 -9.98 -14.72
CA PRO A 62 -21.94 -10.74 -15.05
C PRO A 62 -23.23 -10.03 -14.63
N LEU A 63 -24.28 -10.12 -15.47
CA LEU A 63 -25.66 -9.63 -15.15
C LEU A 63 -26.29 -10.58 -14.13
N PRO A 64 -27.28 -10.09 -13.35
CA PRO A 64 -28.03 -10.96 -12.45
C PRO A 64 -28.58 -12.17 -13.23
N GLY A 65 -28.29 -13.38 -12.72
CA GLY A 65 -28.80 -14.65 -13.24
C GLY A 65 -27.88 -15.32 -14.25
N ALA A 66 -26.84 -14.64 -14.68
CA ALA A 66 -25.93 -15.17 -15.65
C ALA A 66 -25.38 -16.47 -15.22
N GLN A 67 -25.12 -17.33 -16.18
CA GLN A 67 -24.58 -18.61 -15.85
C GLN A 67 -23.34 -18.81 -16.66
N PRO A 68 -22.37 -19.52 -16.12
CA PRO A 68 -22.15 -20.09 -14.79
C PRO A 68 -22.03 -19.09 -13.67
N GLN A 69 -22.00 -19.56 -12.44
CA GLN A 69 -21.85 -18.66 -11.32
C GLN A 69 -20.48 -18.09 -11.51
N GLN A 70 -20.40 -16.77 -11.50
CA GLN A 70 -19.15 -16.09 -11.75
C GLN A 70 -19.14 -14.76 -11.06
N GLU A 71 -18.04 -14.43 -10.42
CA GLU A 71 -17.93 -13.14 -9.76
C GLU A 71 -17.20 -12.20 -10.71
N PRO A 72 -17.45 -10.90 -10.57
CA PRO A 72 -16.76 -9.94 -11.43
C PRO A 72 -15.26 -10.28 -11.43
N LEU A 73 -14.62 -10.12 -12.60
CA LEU A 73 -13.18 -10.37 -12.77
C LEU A 73 -12.53 -9.11 -13.34
N ALA A 74 -11.38 -8.72 -12.78
CA ALA A 74 -10.63 -7.51 -13.18
C ALA A 74 -9.31 -7.95 -13.87
N LEU A 75 -8.93 -7.25 -14.92
CA LEU A 75 -7.70 -7.48 -15.73
C LEU A 75 -6.97 -6.16 -15.86
N VAL A 76 -5.67 -6.12 -15.62
CA VAL A 76 -4.89 -4.87 -15.80
C VAL A 76 -3.99 -5.08 -17.01
N PHE A 77 -4.00 -4.11 -17.93
CA PHE A 77 -3.25 -4.08 -19.20
C PHE A 77 -2.19 -2.98 -19.14
N ARG A 78 -0.98 -3.29 -19.60
CA ARG A 78 0.01 -2.28 -20.09
C ARG A 78 0.13 -2.43 -21.61
N PHE A 79 0.14 -1.32 -22.34
CA PHE A 79 -0.03 -1.27 -23.80
C PHE A 79 1.31 -1.43 -24.52
N GLY A 80 2.42 -1.14 -23.87
CA GLY A 80 3.73 -1.06 -24.55
C GLY A 80 3.72 -0.07 -25.71
N MET A 81 4.41 -0.37 -26.79
CA MET A 81 4.63 0.57 -27.91
C MET A 81 3.41 0.61 -28.84
N SER A 82 2.56 -0.43 -28.88
CA SER A 82 1.60 -0.60 -29.99
C SER A 82 0.27 -1.22 -29.57
N GLY A 83 -0.15 -1.04 -28.31
CA GLY A 83 -1.40 -1.57 -27.76
C GLY A 83 -2.56 -0.65 -27.97
N SER A 84 -3.76 -1.19 -28.03
CA SER A 84 -5.03 -0.44 -28.22
C SER A 84 -6.20 -1.40 -28.03
N PHE A 85 -7.39 -0.82 -27.96
CA PHE A 85 -8.68 -1.54 -27.95
C PHE A 85 -9.43 -1.12 -29.20
N GLN A 86 -10.03 -2.08 -29.89
CA GLN A 86 -10.95 -1.81 -31.01
C GLN A 86 -12.26 -2.57 -30.75
N LEU A 87 -13.39 -1.99 -31.18
CA LEU A 87 -14.67 -2.71 -31.31
C LEU A 87 -14.88 -2.99 -32.80
N VAL A 88 -14.85 -4.27 -33.18
CA VAL A 88 -14.90 -4.72 -34.60
C VAL A 88 -15.99 -5.76 -34.80
N PRO A 89 -16.48 -5.95 -36.04
CA PRO A 89 -17.33 -7.11 -36.36
C PRO A 89 -16.54 -8.43 -36.12
N ARG A 90 -17.23 -9.39 -35.47
CA ARG A 90 -16.67 -10.66 -34.92
C ARG A 90 -15.86 -11.42 -35.99
N GLU A 91 -16.26 -11.34 -37.26
CA GLU A 91 -15.54 -12.07 -38.36
C GLU A 91 -14.54 -11.15 -39.07
N GLU A 92 -14.39 -9.89 -38.67
CA GLU A 92 -13.36 -8.97 -39.22
C GLU A 92 -12.40 -8.50 -38.12
N LEU A 93 -11.79 -9.48 -37.42
CA LEU A 93 -10.69 -9.29 -36.43
C LEU A 93 -9.50 -8.64 -37.11
N PRO A 94 -8.89 -7.59 -36.51
CA PRO A 94 -7.59 -7.11 -36.96
C PRO A 94 -6.51 -8.17 -36.76
N ARG A 95 -5.43 -8.01 -37.54
CA ARG A 95 -4.28 -8.96 -37.63
C ARG A 95 -3.73 -9.31 -36.24
N HIS A 96 -3.56 -8.34 -35.32
CA HIS A 96 -2.86 -8.57 -34.04
C HIS A 96 -3.81 -8.44 -32.85
N ALA A 97 -5.00 -9.00 -32.99
CA ALA A 97 -6.04 -9.05 -31.94
C ALA A 97 -5.70 -10.19 -30.98
N HIS A 98 -5.03 -9.90 -29.86
CA HIS A 98 -4.46 -10.95 -28.96
C HIS A 98 -5.44 -11.36 -27.86
N LEU A 99 -6.43 -10.53 -27.55
CA LEU A 99 -7.45 -10.86 -26.52
C LEU A 99 -8.79 -10.27 -26.95
N ARG A 100 -9.86 -11.09 -26.92
CA ARG A 100 -11.18 -10.72 -27.48
C ARG A 100 -12.32 -11.13 -26.54
N PHE A 101 -13.30 -10.22 -26.48
CA PHE A 101 -14.56 -10.34 -25.72
C PHE A 101 -15.68 -10.20 -26.76
N TYR A 102 -16.60 -11.17 -26.77
CA TYR A 102 -17.59 -11.38 -27.85
C TYR A 102 -18.97 -10.95 -27.35
N THR A 103 -19.63 -10.04 -28.06
CA THR A 103 -21.00 -9.62 -27.70
C THR A 103 -21.90 -10.85 -27.78
N ALA A 104 -22.87 -10.93 -26.87
CA ALA A 104 -24.00 -11.86 -26.89
C ALA A 104 -25.01 -11.36 -27.92
N PRO A 105 -25.86 -12.26 -28.46
CA PRO A 105 -27.09 -11.86 -29.14
C PRO A 105 -28.22 -11.30 -28.29
N PRO A 106 -28.70 -10.07 -28.59
CA PRO A 106 -29.38 -9.80 -29.86
C PRO A 106 -28.48 -8.73 -30.54
N GLY A 107 -28.57 -8.58 -31.86
CA GLY A 107 -27.87 -7.48 -32.58
C GLY A 107 -26.67 -7.99 -33.38
N PRO A 108 -25.85 -7.08 -33.93
CA PRO A 108 -24.64 -7.46 -34.67
C PRO A 108 -23.56 -8.02 -33.73
N ARG A 109 -23.00 -9.19 -34.05
CA ARG A 109 -21.90 -9.87 -33.31
C ARG A 109 -20.64 -9.02 -33.42
N LEU A 110 -20.23 -8.41 -32.31
CA LEU A 110 -19.01 -7.59 -32.24
C LEU A 110 -17.98 -8.30 -31.35
N ALA A 111 -16.71 -7.94 -31.56
CA ALA A 111 -15.57 -8.36 -30.74
C ALA A 111 -14.86 -7.11 -30.22
N LEU A 112 -14.80 -6.93 -28.91
CA LEU A 112 -13.87 -5.97 -28.27
C LEU A 112 -12.50 -6.65 -28.20
N CYS A 113 -11.50 -6.02 -28.81
CA CYS A 113 -10.16 -6.61 -29.02
C CYS A 113 -9.10 -5.74 -28.37
N PHE A 114 -8.21 -6.37 -27.61
CA PHE A 114 -6.87 -5.81 -27.29
C PHE A 114 -5.96 -6.17 -28.48
N VAL A 115 -5.49 -5.14 -29.17
CA VAL A 115 -4.69 -5.22 -30.43
C VAL A 115 -3.31 -4.67 -30.09
N ASP A 116 -2.27 -5.43 -30.41
CA ASP A 116 -0.88 -5.12 -30.00
C ASP A 116 0.08 -5.72 -31.04
N ILE A 117 0.47 -4.91 -32.04
CA ILE A 117 1.32 -5.37 -33.16
C ILE A 117 2.60 -5.99 -32.58
N ARG A 118 3.33 -5.25 -31.73
CA ARG A 118 4.71 -5.63 -31.35
C ARG A 118 4.70 -6.56 -30.13
N ARG A 119 3.56 -6.68 -29.44
CA ARG A 119 3.37 -7.57 -28.27
C ARG A 119 4.28 -7.15 -27.11
N PHE A 120 4.63 -5.87 -27.00
CA PHE A 120 5.35 -5.33 -25.82
C PHE A 120 4.35 -5.17 -24.66
N GLY A 121 3.05 -5.09 -25.00
CA GLY A 121 1.96 -5.03 -24.02
C GLY A 121 1.89 -6.31 -23.20
N ARG A 122 1.32 -6.21 -22.00
CA ARG A 122 1.15 -7.35 -21.06
C ARG A 122 -0.23 -7.19 -20.41
N TRP A 123 -0.79 -8.28 -19.89
CA TRP A 123 -1.92 -8.21 -18.93
C TRP A 123 -1.69 -9.22 -17.81
N ASP A 124 -2.27 -8.94 -16.64
CA ASP A 124 -2.21 -9.83 -15.45
C ASP A 124 -3.64 -10.14 -14.98
N LEU A 125 -3.82 -11.33 -14.41
CA LEU A 125 -5.12 -11.77 -13.83
C LEU A 125 -5.46 -10.99 -12.54
N GLY A 126 -4.52 -10.69 -11.65
CA GLY A 126 -4.83 -9.99 -10.38
C GLY A 126 -5.99 -8.99 -10.45
N GLY A 127 -5.91 -7.96 -11.28
CA GLY A 127 -6.73 -6.74 -11.13
C GLY A 127 -6.04 -5.63 -10.34
N LYS A 128 -4.87 -5.90 -9.74
CA LYS A 128 -4.10 -4.89 -8.98
C LYS A 128 -3.28 -4.02 -9.95
N TRP A 129 -3.10 -2.75 -9.64
CA TRP A 129 -2.10 -1.86 -10.28
C TRP A 129 -0.69 -2.38 -9.99
N GLN A 130 0.26 -2.04 -10.84
CA GLN A 130 1.65 -2.55 -10.69
C GLN A 130 2.20 -1.95 -9.40
N PRO A 131 2.72 -2.79 -8.48
CA PRO A 131 3.36 -2.25 -7.28
C PRO A 131 4.57 -1.45 -7.73
N GLY A 132 4.81 -0.29 -7.10
CA GLY A 132 5.98 0.51 -7.46
C GLY A 132 5.61 1.63 -8.43
N ARG A 133 4.60 1.45 -9.28
CA ARG A 133 4.11 2.59 -10.09
C ARG A 133 3.53 3.64 -9.13
N GLY A 134 3.94 4.88 -9.30
CA GLY A 134 3.42 6.01 -8.54
C GLY A 134 2.02 6.37 -9.00
N PRO A 135 1.40 7.39 -8.39
CA PRO A 135 0.06 7.79 -8.73
C PRO A 135 -0.05 8.38 -10.15
N CYS A 136 -1.27 8.33 -10.68
CA CYS A 136 -1.61 8.82 -12.03
C CYS A 136 -1.46 10.34 -12.10
N VAL A 137 -0.66 10.83 -13.05
CA VAL A 137 -0.47 12.29 -13.23
C VAL A 137 -1.79 12.94 -13.67
N LEU A 138 -2.68 12.17 -14.30
CA LEU A 138 -3.98 12.74 -14.74
C LEU A 138 -5.00 12.71 -13.59
N GLN A 139 -5.15 11.59 -12.89
CA GLN A 139 -6.32 11.39 -12.02
C GLN A 139 -5.97 11.47 -10.55
N GLU A 140 -4.69 11.54 -10.19
CA GLU A 140 -4.24 11.53 -8.78
C GLU A 140 -3.16 12.59 -8.62
N TYR A 141 -3.43 13.80 -9.09
CA TYR A 141 -2.40 14.86 -9.26
C TYR A 141 -1.77 15.16 -7.91
N GLN A 142 -2.58 15.38 -6.90
CA GLN A 142 -2.06 15.84 -5.59
C GLN A 142 -1.19 14.71 -5.01
N GLN A 143 -1.64 13.46 -5.13
CA GLN A 143 -0.86 12.29 -4.65
C GLN A 143 0.45 12.20 -5.45
N PHE A 144 0.38 12.34 -6.78
CA PHE A 144 1.56 12.31 -7.68
C PHE A 144 2.57 13.39 -7.24
N ARG A 145 2.09 14.63 -7.06
CA ARG A 145 2.94 15.79 -6.70
C ARG A 145 3.67 15.51 -5.37
N GLU A 146 2.93 15.05 -4.35
CA GLU A 146 3.48 14.81 -3.00
C GLU A 146 4.47 13.64 -3.07
N ASN A 147 4.16 12.57 -3.80
CA ASN A 147 5.04 11.37 -3.90
C ASN A 147 6.39 11.78 -4.48
N VAL A 148 6.42 12.75 -5.40
CA VAL A 148 7.69 13.29 -5.95
C VAL A 148 8.41 14.13 -4.89
N LEU A 149 7.75 15.16 -4.35
CA LEU A 149 8.42 16.18 -3.48
C LEU A 149 8.92 15.54 -2.18
N ARG A 150 8.30 14.45 -1.72
CA ARG A 150 8.63 13.78 -0.43
C ARG A 150 9.80 12.78 -0.61
N ASN A 151 10.26 12.49 -1.83
CA ASN A 151 11.28 11.47 -2.13
C ASN A 151 12.38 12.02 -3.07
N LEU A 152 12.70 13.30 -3.02
CA LEU A 152 13.75 13.91 -3.87
C LEU A 152 15.14 13.34 -3.54
N ALA A 153 15.35 12.80 -2.33
CA ALA A 153 16.63 12.17 -1.92
C ALA A 153 16.88 10.90 -2.75
N ASP A 154 15.84 10.20 -3.20
CA ASP A 154 15.94 8.98 -4.04
C ASP A 154 16.94 9.22 -5.19
N LYS A 155 17.69 8.18 -5.54
CA LYS A 155 18.83 8.29 -6.50
C LYS A 155 18.25 8.48 -7.91
N ALA A 156 16.98 8.13 -8.11
CA ALA A 156 16.26 8.42 -9.37
C ALA A 156 16.41 9.89 -9.77
N PHE A 157 16.48 10.82 -8.81
CA PHE A 157 16.52 12.28 -9.06
C PHE A 157 17.96 12.77 -9.24
N ASP A 158 18.95 11.90 -9.13
CA ASP A 158 20.36 12.20 -9.49
C ASP A 158 20.50 12.33 -11.00
N ARG A 159 19.58 11.73 -11.76
CA ARG A 159 19.65 11.61 -13.23
C ARG A 159 19.19 12.90 -13.89
N PRO A 160 19.52 13.09 -15.18
CA PRO A 160 18.93 14.14 -15.99
C PRO A 160 17.38 14.17 -15.87
N ILE A 161 16.79 15.37 -15.88
CA ILE A 161 15.34 15.51 -15.66
C ILE A 161 14.63 14.74 -16.77
N CYS A 162 15.17 14.71 -17.99
CA CYS A 162 14.47 14.02 -19.13
C CYS A 162 14.36 12.51 -18.84
N GLU A 163 15.33 11.93 -18.13
CA GLU A 163 15.34 10.48 -17.79
C GLU A 163 14.41 10.24 -16.61
N ALA A 164 14.46 11.11 -15.61
CA ALA A 164 13.62 11.01 -14.39
C ALA A 164 12.14 11.02 -14.79
N LEU A 165 11.76 11.79 -15.81
CA LEU A 165 10.34 11.97 -16.25
C LEU A 165 9.77 10.65 -16.81
N LEU A 166 10.63 9.71 -17.26
CA LEU A 166 10.19 8.40 -17.76
C LEU A 166 10.10 7.37 -16.63
N ASP A 167 10.58 7.67 -15.43
CA ASP A 167 10.60 6.70 -14.29
C ASP A 167 9.17 6.55 -13.73
N GLN A 168 8.55 5.40 -13.96
CA GLN A 168 7.10 5.22 -13.71
C GLN A 168 6.79 5.13 -12.21
N ARG A 169 7.79 5.04 -11.35
CA ARG A 169 7.56 5.10 -9.89
C ARG A 169 7.14 6.51 -9.45
N PHE A 170 7.51 7.54 -10.21
CA PHE A 170 7.29 8.97 -9.85
C PHE A 170 6.44 9.72 -10.88
N PHE A 171 6.45 9.32 -12.14
CA PHE A 171 5.74 10.03 -13.24
C PHE A 171 4.87 9.07 -14.04
N ASN A 172 4.03 8.31 -13.33
CA ASN A 172 3.20 7.22 -13.92
C ASN A 172 2.29 7.84 -14.96
N GLY A 173 2.56 7.60 -16.25
CA GLY A 173 1.75 8.18 -17.35
C GLY A 173 2.59 9.00 -18.31
N ILE A 174 3.80 9.40 -17.91
CA ILE A 174 4.68 10.23 -18.77
C ILE A 174 5.52 9.30 -19.64
N GLY A 175 5.49 9.56 -20.95
CA GLY A 175 6.32 8.91 -21.96
C GLY A 175 7.05 9.91 -22.84
N ASN A 176 7.51 9.44 -23.97
CA ASN A 176 8.61 10.11 -24.70
C ASN A 176 8.12 11.47 -25.24
N TYR A 177 6.94 11.50 -25.83
CA TYR A 177 6.42 12.74 -26.41
C TYR A 177 6.08 13.70 -25.27
N LEU A 178 5.54 13.20 -24.16
CA LEU A 178 5.10 14.12 -23.07
C LEU A 178 6.34 14.75 -22.42
N ARG A 179 7.44 14.02 -22.24
CA ARG A 179 8.62 14.61 -21.55
C ARG A 179 9.17 15.77 -22.42
N ALA A 180 9.17 15.63 -23.74
CA ALA A 180 9.64 16.70 -24.64
C ALA A 180 8.69 17.92 -24.56
N GLU A 181 7.39 17.68 -24.65
CA GLU A 181 6.37 18.76 -24.63
C GLU A 181 6.41 19.51 -23.28
N ILE A 182 6.58 18.80 -22.16
CA ILE A 182 6.56 19.38 -20.79
C ILE A 182 7.79 20.30 -20.63
N LEU A 183 8.99 19.80 -20.95
CA LEU A 183 10.26 20.53 -20.79
C LEU A 183 10.34 21.72 -21.75
N TYR A 184 9.79 21.59 -22.94
CA TYR A 184 9.75 22.66 -23.96
C TYR A 184 8.96 23.84 -23.41
N ARG A 185 7.84 23.60 -22.73
CA ARG A 185 6.93 24.68 -22.23
C ARG A 185 7.60 25.51 -21.15
N LEU A 186 8.54 24.94 -20.38
CA LEU A 186 9.31 25.71 -19.37
C LEU A 186 10.73 25.99 -19.86
N LYS A 187 11.07 25.56 -21.07
CA LYS A 187 12.43 25.77 -21.62
C LYS A 187 13.43 25.33 -20.54
N ILE A 188 13.15 24.21 -19.88
CA ILE A 188 14.09 23.49 -18.98
C ILE A 188 14.96 22.62 -19.88
N PRO A 189 16.29 22.82 -19.84
CA PRO A 189 17.21 21.92 -20.54
C PRO A 189 16.97 20.48 -20.09
N PRO A 190 16.87 19.52 -21.03
CA PRO A 190 16.53 18.15 -20.70
C PRO A 190 17.58 17.41 -19.87
N PHE A 191 18.83 17.87 -19.91
CA PHE A 191 19.94 17.26 -19.14
C PHE A 191 20.33 18.17 -17.98
N GLU A 192 19.40 19.00 -17.52
CA GLU A 192 19.46 19.58 -16.15
C GLU A 192 19.28 18.43 -15.17
N LYS A 193 19.89 18.48 -14.01
CA LYS A 193 19.72 17.45 -12.95
C LYS A 193 18.29 17.57 -12.41
N ALA A 194 17.60 16.44 -12.32
CA ALA A 194 16.18 16.36 -11.86
C ALA A 194 16.05 17.01 -10.47
N ARG A 195 16.93 16.69 -9.55
CA ARG A 195 16.86 17.20 -8.16
C ARG A 195 16.96 18.75 -8.18
N SER A 196 17.76 19.35 -9.05
CA SER A 196 17.87 20.83 -9.13
C SER A 196 16.53 21.45 -9.56
N VAL A 197 15.87 20.87 -10.54
CA VAL A 197 14.65 21.48 -11.11
C VAL A 197 13.52 21.31 -10.11
N LEU A 198 13.56 20.28 -9.27
CA LEU A 198 12.42 19.90 -8.39
C LEU A 198 12.58 20.49 -6.99
N GLU A 199 13.81 20.59 -6.50
CA GLU A 199 14.10 21.11 -5.18
C GLU A 199 13.63 22.50 -5.03
N ALA A 200 13.57 23.19 -6.14
CA ALA A 200 13.12 24.57 -6.21
C ALA A 200 11.61 24.74 -6.35
N LEU A 201 10.82 23.85 -5.75
CA LEU A 201 9.39 23.81 -5.90
C LEU A 201 8.73 23.49 -4.60
N GLN A 202 9.48 22.96 -3.65
CA GLN A 202 8.85 22.66 -2.39
C GLN A 202 8.85 23.90 -1.50
N PRO A 223 2.88 28.33 -12.93
CA PRO A 223 2.74 26.90 -13.32
C PRO A 223 4.10 26.19 -13.48
N ASP A 224 4.42 25.28 -12.56
CA ASP A 224 5.74 24.62 -12.43
C ASP A 224 5.72 23.25 -13.13
N LEU A 225 6.87 22.58 -13.14
CA LEU A 225 7.13 21.34 -13.90
C LEU A 225 6.16 20.23 -13.49
N LEU A 226 5.89 20.05 -12.18
CA LEU A 226 4.98 18.98 -11.69
C LEU A 226 3.55 19.32 -12.11
N GLU A 227 3.17 20.58 -12.13
CA GLU A 227 1.85 21.06 -12.58
C GLU A 227 1.65 20.65 -14.07
N LEU A 228 2.67 20.88 -14.90
CA LEU A 228 2.61 20.60 -16.35
C LEU A 228 2.56 19.08 -16.59
N CYS A 229 3.11 18.27 -15.67
CA CYS A 229 3.03 16.79 -15.76
C CYS A 229 1.58 16.34 -15.73
N HIS A 230 0.71 17.19 -15.20
CA HIS A 230 -0.76 16.98 -15.18
C HIS A 230 -1.39 17.71 -16.37
N SER A 231 -1.21 19.01 -16.50
CA SER A 231 -2.02 19.86 -17.41
C SER A 231 -1.65 19.56 -18.88
N VAL A 232 -0.40 19.23 -19.15
CA VAL A 232 0.01 18.96 -20.55
C VAL A 232 -0.72 17.71 -21.03
N PRO A 233 -0.58 16.55 -20.38
CA PRO A 233 -1.29 15.34 -20.81
C PRO A 233 -2.82 15.51 -20.82
N LYS A 234 -3.33 16.35 -19.93
CA LYS A 234 -4.78 16.66 -19.88
C LYS A 234 -5.18 17.36 -21.17
N GLU A 235 -4.29 18.13 -21.79
CA GLU A 235 -4.61 18.83 -23.07
C GLU A 235 -4.84 17.78 -24.15
N VAL A 236 -4.05 16.71 -24.15
CA VAL A 236 -4.15 15.63 -25.17
C VAL A 236 -5.52 14.96 -24.99
N VAL A 237 -5.90 14.67 -23.75
CA VAL A 237 -7.25 14.09 -23.42
C VAL A 237 -8.36 15.00 -23.96
N GLN A 238 -8.20 16.31 -23.88
CA GLN A 238 -9.28 17.27 -24.25
C GLN A 238 -9.30 17.46 -25.76
N LEU A 239 -8.24 17.08 -26.49
CA LEU A 239 -8.32 17.00 -27.98
C LEU A 239 -9.34 15.92 -28.35
N GLY A 240 -9.36 14.86 -27.52
CA GLY A 240 -10.04 13.59 -27.79
C GLY A 240 -9.17 12.75 -28.73
N GLY A 241 -9.81 12.04 -29.65
CA GLY A 241 -9.07 11.34 -30.71
C GLY A 241 -8.15 10.29 -30.13
N ARG A 242 -6.92 10.22 -30.67
CA ARG A 242 -5.82 9.22 -30.41
C ARG A 242 -6.27 7.78 -30.78
N GLY A 243 -7.30 7.66 -31.65
CA GLY A 243 -7.89 6.40 -32.16
C GLY A 243 -9.37 6.26 -31.81
N TYR A 244 -9.89 7.12 -30.90
CA TYR A 244 -10.98 6.80 -29.93
C TYR A 244 -12.14 7.82 -30.06
N GLY A 249 -10.92 9.79 -36.96
CA GLY A 249 -10.23 9.21 -38.14
C GLY A 249 -8.73 9.53 -38.17
N GLU A 250 -8.22 9.96 -39.34
CA GLU A 250 -6.86 10.55 -39.50
C GLU A 250 -6.94 12.08 -39.32
N GLU A 251 -8.11 12.59 -38.94
CA GLU A 251 -8.37 14.03 -38.63
C GLU A 251 -7.88 14.33 -37.21
N ASP A 252 -8.26 13.53 -36.22
CA ASP A 252 -7.72 13.71 -34.85
C ASP A 252 -6.27 13.20 -34.81
N PHE A 253 -5.74 12.49 -35.82
CA PHE A 253 -4.29 12.25 -35.91
C PHE A 253 -3.58 13.56 -36.34
N ALA A 254 -4.16 14.31 -37.27
CA ALA A 254 -3.67 15.64 -37.68
C ALA A 254 -3.85 16.63 -36.53
N ALA A 255 -4.96 16.56 -35.79
CA ALA A 255 -5.24 17.35 -34.57
C ALA A 255 -4.07 17.22 -33.59
N PHE A 256 -3.54 16.01 -33.40
CA PHE A 256 -2.44 15.71 -32.47
C PHE A 256 -1.15 16.33 -32.98
N ARG A 257 -0.85 16.15 -34.26
CA ARG A 257 0.44 16.58 -34.87
C ARG A 257 0.54 18.11 -34.81
N ALA A 258 -0.61 18.79 -34.94
CA ALA A 258 -0.76 20.26 -34.85
C ALA A 258 -0.55 20.73 -33.39
N TRP A 259 -0.97 19.95 -32.40
CA TRP A 259 -0.83 20.26 -30.96
C TRP A 259 0.65 20.17 -30.55
N LEU A 260 1.40 19.21 -31.07
CA LEU A 260 2.83 19.01 -30.72
C LEU A 260 3.60 20.29 -31.07
N ARG A 261 4.41 20.79 -30.14
CA ARG A 261 5.28 21.97 -30.40
C ARG A 261 6.74 21.55 -30.54
N CYS A 262 7.13 20.37 -30.04
CA CYS A 262 8.55 20.03 -29.84
C CYS A 262 8.88 18.63 -30.35
N TYR A 263 8.16 17.62 -29.91
CA TYR A 263 8.50 16.20 -30.26
C TYR A 263 8.49 16.06 -31.78
N GLY A 264 9.65 15.78 -32.36
CA GLY A 264 9.83 15.44 -33.78
C GLY A 264 9.77 16.64 -34.68
N MET A 265 9.70 17.88 -34.16
CA MET A 265 9.33 19.07 -34.96
C MET A 265 10.56 19.68 -35.62
N PRO A 266 10.41 20.20 -36.86
CA PRO A 266 11.53 20.85 -37.54
C PRO A 266 12.05 22.01 -36.68
N GLY A 267 13.35 22.28 -36.74
CA GLY A 267 14.04 23.33 -35.97
C GLY A 267 14.33 22.94 -34.53
N MET A 268 14.04 21.71 -34.12
CA MET A 268 14.33 21.21 -32.76
C MET A 268 15.58 20.33 -32.79
N SER A 269 16.38 20.38 -31.74
CA SER A 269 17.49 19.45 -31.46
C SER A 269 16.91 18.11 -31.01
N SER A 270 17.72 17.06 -31.01
CA SER A 270 17.42 15.73 -30.40
C SER A 270 18.73 15.09 -29.93
N LEU A 271 18.70 14.42 -28.78
CA LEU A 271 19.83 13.58 -28.29
C LEU A 271 19.27 12.23 -27.83
N GLN A 272 20.14 11.23 -27.71
CA GLN A 272 19.85 9.95 -27.01
C GLN A 272 20.15 10.13 -25.51
N ASP A 273 19.19 9.77 -24.64
CA ASP A 273 19.44 9.55 -23.19
C ASP A 273 20.20 8.25 -23.00
N ARG A 274 20.51 7.89 -21.76
CA ARG A 274 21.45 6.79 -21.45
C ARG A 274 20.79 5.43 -21.75
N HIS A 275 19.48 5.39 -22.00
CA HIS A 275 18.76 4.14 -22.38
C HIS A 275 18.43 4.15 -23.88
N GLY A 276 19.01 5.07 -24.65
CA GLY A 276 18.89 5.14 -26.12
C GLY A 276 17.54 5.65 -26.61
N ARG A 277 16.77 6.32 -25.75
CA ARG A 277 15.47 6.97 -26.12
C ARG A 277 15.71 8.43 -26.51
N THR A 278 15.08 8.88 -27.59
CA THR A 278 15.31 10.21 -28.19
C THR A 278 14.55 11.26 -27.38
N ILE A 279 15.27 12.28 -26.89
CA ILE A 279 14.67 13.48 -26.25
C ILE A 279 14.76 14.64 -27.26
N TRP A 280 13.59 15.21 -27.60
CA TRP A 280 13.43 16.44 -28.42
C TRP A 280 13.41 17.67 -27.51
N PHE A 281 14.09 18.75 -27.92
CA PHE A 281 14.24 20.00 -27.13
C PHE A 281 14.67 21.16 -28.03
N GLN A 282 14.63 22.35 -27.45
CA GLN A 282 15.12 23.61 -28.06
C GLN A 282 16.26 24.15 -27.21
N GLY A 283 17.35 24.54 -27.87
CA GLY A 283 18.44 25.30 -27.23
C GLY A 283 19.36 24.43 -26.41
N ASP A 284 19.59 24.84 -25.17
CA ASP A 284 20.67 24.35 -24.28
C ASP A 284 20.35 22.88 -24.01
N PRO A 285 21.24 21.94 -24.34
CA PRO A 285 21.05 20.53 -23.96
C PRO A 285 21.06 20.34 -22.44
N GLY A 286 21.90 21.07 -21.72
CA GLY A 286 21.94 21.04 -20.24
C GLY A 286 23.25 20.41 -19.76
N PRO A 287 23.59 20.57 -18.46
CA PRO A 287 24.91 20.16 -17.97
C PRO A 287 25.26 18.66 -18.12
N LEU A 288 24.34 17.74 -17.87
CA LEU A 288 24.61 16.26 -17.84
C LEU A 288 24.50 15.63 -19.25
N ALA A 289 24.56 16.45 -20.30
CA ALA A 289 24.39 16.04 -21.71
C ALA A 289 25.46 15.02 -22.10
N PRO A 290 25.12 14.00 -22.93
CA PRO A 290 26.05 12.91 -23.25
C PRO A 290 27.33 13.34 -23.96
N GLY D 2 -20.60 12.04 8.48
CA GLY D 2 -19.66 12.52 7.49
C GLY D 2 -20.05 12.08 6.09
N GLN D 3 -19.43 12.74 5.12
CA GLN D 3 -19.63 12.48 3.70
C GLN D 3 -18.29 11.99 3.21
N GLY D 4 -18.20 11.76 1.90
CA GLY D 4 -17.00 11.16 1.30
C GLY D 4 -15.74 11.82 1.86
N PRO D 5 -15.64 13.16 1.83
CA PRO D 5 -14.39 13.81 2.21
C PRO D 5 -13.99 13.51 3.68
N GLU D 6 -14.98 13.45 4.59
CA GLU D 6 -14.73 13.27 6.05
C GLU D 6 -14.26 11.82 6.29
N LEU D 7 -14.90 10.86 5.61
CA LEU D 7 -14.52 9.43 5.70
C LEU D 7 -13.09 9.29 5.16
N HIS D 8 -12.80 9.87 4.01
CA HIS D 8 -11.46 9.82 3.38
C HIS D 8 -10.42 10.41 4.35
N LEU D 9 -10.67 11.60 4.90
CA LEU D 9 -9.69 12.28 5.81
C LEU D 9 -9.50 11.47 7.11
N ALA D 10 -10.57 10.89 7.65
CA ALA D 10 -10.53 10.01 8.83
C ALA D 10 -9.61 8.81 8.57
N SER D 11 -9.72 8.19 7.39
CA SER D 11 -8.88 7.04 6.96
C SER D 11 -7.39 7.45 6.89
N GLN D 12 -7.10 8.64 6.37
CA GLN D 12 -5.73 9.19 6.28
C GLN D 12 -5.19 9.39 7.71
N PHE D 13 -6.06 9.87 8.59
CA PHE D 13 -5.68 10.19 9.98
C PHE D 13 -5.25 8.90 10.70
N VAL D 14 -6.10 7.88 10.61
CA VAL D 14 -5.84 6.56 11.23
C VAL D 14 -4.52 5.97 10.68
N ASN D 15 -4.28 6.03 9.38
CA ASN D 15 -3.03 5.46 8.80
C ASN D 15 -1.82 6.25 9.30
N GLU D 16 -1.85 7.60 9.28
CA GLU D 16 -0.72 8.46 9.73
C GLU D 16 -0.44 8.22 11.21
N ALA D 17 -1.47 8.33 12.05
CA ALA D 17 -1.35 8.32 13.51
C ALA D 17 -0.94 6.93 14.02
N CYS D 18 -1.30 5.87 13.29
CA CYS D 18 -1.20 4.48 13.81
C CYS D 18 -0.01 3.77 13.18
N ARG D 19 0.65 4.42 12.24
CA ARG D 19 1.70 3.79 11.41
C ARG D 19 2.76 3.19 12.32
N ALA D 20 3.15 3.90 13.38
CA ALA D 20 4.29 3.53 14.24
C ALA D 20 3.83 3.02 15.61
N LEU D 21 2.54 2.69 15.75
CA LEU D 21 1.97 2.22 17.04
C LEU D 21 1.72 0.72 16.92
N VAL D 22 1.62 0.04 18.07
CA VAL D 22 1.29 -1.41 18.20
C VAL D 22 0.18 -1.54 19.25
N PHE D 23 -0.95 -2.15 18.90
CA PHE D 23 -2.11 -2.27 19.81
C PHE D 23 -2.03 -3.64 20.49
N GLY D 24 -2.64 -3.71 21.68
CA GLY D 24 -2.65 -4.92 22.53
C GLY D 24 -3.95 -5.03 23.29
N GLY D 25 -4.36 -6.25 23.58
CA GLY D 25 -5.49 -6.54 24.47
C GLY D 25 -6.77 -6.58 23.68
N CYS D 26 -7.86 -6.19 24.33
CA CYS D 26 -9.23 -6.20 23.80
C CYS D 26 -9.55 -4.88 23.12
N VAL D 27 -10.63 -4.93 22.36
CA VAL D 27 -11.31 -3.74 21.79
C VAL D 27 -12.49 -3.42 22.72
N GLU D 28 -12.44 -2.27 23.37
CA GLU D 28 -13.44 -1.83 24.36
C GLU D 28 -14.53 -1.02 23.64
N LYS D 29 -15.78 -1.44 23.86
CA LYS D 29 -17.02 -0.72 23.53
C LYS D 29 -17.53 0.00 24.78
N SER D 30 -18.04 1.22 24.62
CA SER D 30 -18.70 1.96 25.72
C SER D 30 -19.95 1.19 26.15
N SER D 31 -20.41 1.49 27.35
CA SER D 31 -21.60 0.87 27.96
C SER D 31 -22.90 1.26 27.23
N VAL D 32 -22.99 2.40 26.57
CA VAL D 32 -24.27 2.80 25.89
C VAL D 32 -24.38 2.27 24.44
N SER D 33 -23.28 1.96 23.75
CA SER D 33 -23.31 1.65 22.29
C SER D 33 -24.10 0.37 22.02
N ARG D 34 -25.13 0.45 21.17
CA ARG D 34 -26.00 -0.67 20.71
C ARG D 34 -25.31 -1.41 19.55
N ASN D 35 -24.14 -0.95 19.08
CA ASN D 35 -23.33 -1.65 18.08
C ASN D 35 -22.67 -2.87 18.71
N PRO D 36 -22.26 -3.89 17.92
CA PRO D 36 -21.77 -5.15 18.47
C PRO D 36 -20.40 -5.07 19.14
N GLU D 37 -20.19 -5.91 20.16
CA GLU D 37 -18.84 -6.16 20.74
C GLU D 37 -17.96 -6.67 19.59
N VAL D 38 -16.71 -6.23 19.60
CA VAL D 38 -15.62 -6.68 18.71
C VAL D 38 -14.88 -7.83 19.40
N PRO D 39 -15.10 -9.09 18.95
CA PRO D 39 -14.50 -10.25 19.59
C PRO D 39 -13.06 -10.36 19.06
N PHE D 40 -12.15 -9.52 19.57
CA PHE D 40 -10.74 -9.48 19.12
C PHE D 40 -9.84 -9.18 20.31
N GLU D 41 -8.87 -10.07 20.50
CA GLU D 41 -7.82 -9.93 21.53
C GLU D 41 -6.51 -10.44 20.92
N SER D 42 -5.45 -9.65 21.10
CA SER D 42 -4.09 -9.89 20.56
C SER D 42 -3.07 -9.11 21.39
N SER D 43 -1.96 -9.77 21.76
CA SER D 43 -0.81 -9.19 22.50
C SER D 43 -0.17 -8.05 21.70
N ALA D 44 -0.30 -8.09 20.36
CA ALA D 44 0.36 -7.16 19.42
C ALA D 44 -0.34 -7.16 18.05
N TYR D 45 -1.12 -6.12 17.74
CA TYR D 45 -1.73 -5.95 16.39
C TYR D 45 -1.54 -4.51 15.89
N ARG D 46 -1.51 -4.36 14.56
CA ARG D 46 -1.47 -3.06 13.87
C ARG D 46 -2.86 -2.73 13.33
N ILE D 47 -3.20 -1.44 13.27
CA ILE D 47 -4.49 -0.91 12.74
C ILE D 47 -4.21 -0.08 11.47
N SER D 48 -4.91 -0.40 10.38
CA SER D 48 -4.86 0.40 9.13
C SER D 48 -6.28 0.63 8.65
N ALA D 49 -6.47 1.61 7.78
CA ALA D 49 -7.81 2.08 7.36
C ALA D 49 -7.86 2.32 5.86
N SER D 50 -9.01 2.15 5.24
CA SER D 50 -9.30 2.74 3.92
C SER D 50 -10.72 3.27 3.97
N ALA D 51 -11.03 4.29 3.17
CA ALA D 51 -12.40 4.77 2.94
C ALA D 51 -12.88 4.33 1.56
N ARG D 52 -14.16 4.08 1.45
CA ARG D 52 -14.88 3.97 0.17
C ARG D 52 -16.25 4.62 0.34
N GLY D 53 -16.43 5.78 -0.27
CA GLY D 53 -17.69 6.54 -0.14
C GLY D 53 -17.92 6.91 1.30
N LYS D 54 -19.06 6.58 1.84
CA LYS D 54 -19.48 6.94 3.22
C LYS D 54 -19.13 5.81 4.20
N GLU D 55 -18.19 4.93 3.87
CA GLU D 55 -17.77 3.79 4.73
C GLU D 55 -16.27 3.87 4.95
N LEU D 56 -15.84 3.42 6.11
CA LEU D 56 -14.40 3.32 6.45
C LEU D 56 -14.14 1.90 6.94
N ARG D 57 -13.10 1.26 6.45
CA ARG D 57 -12.78 -0.13 6.86
C ARG D 57 -11.51 -0.07 7.68
N LEU D 58 -11.58 -0.56 8.93
CA LEU D 58 -10.39 -0.81 9.79
C LEU D 58 -9.98 -2.27 9.61
N ILE D 59 -8.70 -2.53 9.52
CA ILE D 59 -8.15 -3.92 9.58
C ILE D 59 -7.31 -4.00 10.85
N LEU D 60 -7.68 -4.93 11.73
CA LEU D 60 -6.90 -5.29 12.94
C LEU D 60 -6.04 -6.50 12.56
N SER D 61 -4.71 -6.29 12.46
CA SER D 61 -3.73 -7.26 11.95
C SER D 61 -2.75 -7.65 13.04
N PRO D 62 -2.92 -8.81 13.73
CA PRO D 62 -1.89 -9.33 14.62
C PRO D 62 -0.51 -9.34 13.93
N LEU D 63 0.56 -9.06 14.69
CA LEU D 63 1.95 -9.34 14.25
C LEU D 63 2.15 -10.87 14.25
N PRO D 64 3.07 -11.38 13.40
CA PRO D 64 3.50 -12.77 13.52
C PRO D 64 3.92 -13.04 14.98
N GLY D 65 3.40 -14.12 15.53
CA GLY D 65 3.72 -14.53 16.87
C GLY D 65 2.62 -14.28 17.85
N ALA D 66 2.03 -13.10 17.73
CA ALA D 66 0.95 -12.59 18.55
C ALA D 66 -0.03 -13.59 19.10
N GLN D 67 -0.24 -13.51 20.40
CA GLN D 67 -1.12 -14.44 21.05
C GLN D 67 -2.42 -13.82 21.43
N PRO D 68 -3.52 -14.55 21.26
CA PRO D 68 -3.76 -15.80 20.57
C PRO D 68 -3.53 -15.74 19.09
N GLN D 69 -3.17 -16.86 18.50
CA GLN D 69 -2.95 -16.87 17.08
C GLN D 69 -4.29 -16.74 16.46
N GLN D 70 -4.41 -15.81 15.52
CA GLN D 70 -5.67 -15.57 14.85
C GLN D 70 -5.47 -14.79 13.57
N GLU D 71 -6.50 -14.79 12.74
CA GLU D 71 -6.45 -14.07 11.45
C GLU D 71 -6.77 -12.59 11.69
N PRO D 72 -6.35 -11.69 10.78
CA PRO D 72 -6.78 -10.31 10.81
C PRO D 72 -8.31 -10.27 10.90
N LEU D 73 -8.86 -9.24 11.53
CA LEU D 73 -10.31 -8.94 11.55
C LEU D 73 -10.55 -7.57 10.93
N ALA D 74 -11.56 -7.49 10.07
CA ALA D 74 -11.98 -6.22 9.43
C ALA D 74 -13.29 -5.71 10.07
N LEU D 75 -13.40 -4.40 10.24
CA LEU D 75 -14.60 -3.68 10.75
C LEU D 75 -14.95 -2.61 9.73
N VAL D 76 -16.19 -2.50 9.34
CA VAL D 76 -16.62 -1.37 8.47
C VAL D 76 -17.47 -0.44 9.33
N PHE D 77 -17.17 0.86 9.28
CA PHE D 77 -17.86 1.95 9.99
C PHE D 77 -18.67 2.81 9.03
N ARG D 78 -19.89 3.14 9.40
CA ARG D 78 -20.63 4.33 8.90
C ARG D 78 -20.77 5.31 10.05
N PHE D 79 -20.56 6.59 9.77
CA PHE D 79 -20.32 7.66 10.76
C PHE D 79 -21.64 8.27 11.22
N GLY D 80 -22.69 8.16 10.41
CA GLY D 80 -23.94 8.90 10.67
C GLY D 80 -23.71 10.40 10.71
N MET D 81 -24.43 11.11 11.55
CA MET D 81 -24.43 12.58 11.62
C MET D 81 -23.16 13.11 12.33
N SER D 82 -22.48 12.33 13.19
CA SER D 82 -21.53 12.91 14.17
C SER D 82 -20.36 11.98 14.54
N GLY D 83 -19.92 11.13 13.63
CA GLY D 83 -18.84 10.17 13.87
C GLY D 83 -17.48 10.73 13.47
N SER D 84 -16.42 10.21 14.07
CA SER D 84 -15.01 10.59 13.87
C SER D 84 -14.11 9.60 14.59
N PHE D 85 -12.81 9.66 14.32
CA PHE D 85 -11.75 8.95 15.05
C PHE D 85 -10.84 9.99 15.71
N GLN D 86 -10.44 9.76 16.97
CA GLN D 86 -9.41 10.57 17.66
C GLN D 86 -8.32 9.63 18.21
N LEU D 87 -7.08 10.10 18.27
CA LEU D 87 -5.97 9.42 18.99
C LEU D 87 -5.70 10.25 20.24
N VAL D 88 -6.00 9.68 21.42
CA VAL D 88 -5.95 10.38 22.74
C VAL D 88 -5.13 9.59 23.76
N PRO D 89 -4.69 10.24 24.85
CA PRO D 89 -4.17 9.51 26.01
C PRO D 89 -5.27 8.61 26.64
N ARG D 90 -4.88 7.36 26.94
CA ARG D 90 -5.74 6.26 27.46
C ARG D 90 -6.57 6.73 28.68
N GLU D 91 -6.04 7.63 29.51
CA GLU D 91 -6.74 8.19 30.71
C GLU D 91 -7.53 9.47 30.38
N GLU D 92 -7.51 9.97 29.14
CA GLU D 92 -8.23 11.22 28.74
C GLU D 92 -9.15 10.92 27.53
N LEU D 93 -10.06 9.96 27.67
CA LEU D 93 -11.09 9.61 26.63
C LEU D 93 -12.06 10.77 26.48
N PRO D 94 -12.40 11.19 25.24
CA PRO D 94 -13.49 12.13 25.04
C PRO D 94 -14.84 11.54 25.47
N ARG D 95 -15.79 12.42 25.74
CA ARG D 95 -17.23 12.06 25.82
C ARG D 95 -17.60 11.46 24.46
N HIS D 96 -18.35 10.36 24.49
CA HIS D 96 -18.92 9.68 23.31
C HIS D 96 -17.83 8.91 22.57
N ALA D 97 -16.79 8.45 23.27
CA ALA D 97 -15.83 7.45 22.75
C ALA D 97 -16.48 6.07 22.86
N HIS D 98 -17.10 5.56 21.78
CA HIS D 98 -17.92 4.32 21.82
C HIS D 98 -17.11 3.07 21.50
N LEU D 99 -15.97 3.21 20.83
CA LEU D 99 -15.06 2.05 20.55
C LEU D 99 -13.61 2.49 20.64
N ARG D 100 -12.78 1.75 21.36
CA ARG D 100 -11.38 2.13 21.68
C ARG D 100 -10.43 0.95 21.50
N PHE D 101 -9.29 1.25 20.91
CA PHE D 101 -8.15 0.35 20.66
C PHE D 101 -6.96 0.95 21.40
N TYR D 102 -6.33 0.13 22.23
CA TYR D 102 -5.34 0.57 23.24
C TYR D 102 -3.94 0.14 22.79
N THR D 103 -2.99 1.06 22.76
CA THR D 103 -1.64 0.69 22.37
C THR D 103 -1.12 -0.32 23.33
N ALA D 104 -0.22 -1.17 22.87
CA ALA D 104 0.35 -2.18 23.73
C ALA D 104 1.45 -1.61 24.59
N PRO D 105 1.68 -2.22 25.74
CA PRO D 105 2.74 -1.81 26.65
C PRO D 105 3.99 -2.50 26.21
N PRO D 106 5.08 -1.75 26.09
CA PRO D 106 5.08 -0.45 26.73
C PRO D 106 5.24 0.72 25.79
N GLY D 107 5.27 1.89 26.40
CA GLY D 107 5.39 3.18 25.75
C GLY D 107 4.35 4.11 26.35
N PRO D 108 4.17 5.30 25.78
CA PRO D 108 3.08 6.12 26.33
C PRO D 108 1.76 5.46 25.96
N ARG D 109 0.80 5.45 26.87
CA ARG D 109 -0.47 4.81 26.63
C ARG D 109 -1.43 5.63 25.80
N LEU D 110 -1.78 5.12 24.64
CA LEU D 110 -2.74 5.86 23.77
C LEU D 110 -3.98 5.00 23.50
N ALA D 111 -5.09 5.67 23.21
CA ALA D 111 -6.34 5.06 22.74
C ALA D 111 -6.75 5.65 21.40
N LEU D 112 -6.93 4.81 20.39
CA LEU D 112 -7.65 5.21 19.15
C LEU D 112 -9.13 5.02 19.44
N CYS D 113 -9.93 6.08 19.27
CA CYS D 113 -11.37 6.11 19.61
C CYS D 113 -12.24 6.42 18.40
N PHE D 114 -13.30 5.64 18.19
CA PHE D 114 -14.50 6.03 17.38
C PHE D 114 -15.43 6.83 18.28
N VAL D 115 -15.62 8.09 17.95
CA VAL D 115 -16.38 9.10 18.75
C VAL D 115 -17.60 9.48 17.93
N ASP D 116 -18.77 9.42 18.54
CA ASP D 116 -20.08 9.59 17.85
C ASP D 116 -21.09 10.13 18.84
N ILE D 117 -21.25 11.45 18.87
CA ILE D 117 -22.13 12.16 19.82
C ILE D 117 -23.54 11.56 19.70
N ARG D 118 -24.12 11.53 18.50
CA ARG D 118 -25.56 11.23 18.35
C ARG D 118 -25.81 9.72 18.18
N ARG D 119 -24.75 8.94 18.00
CA ARG D 119 -24.81 7.46 17.91
C ARG D 119 -25.65 6.98 16.72
N PHE D 120 -25.73 7.75 15.65
CA PHE D 120 -26.35 7.33 14.38
C PHE D 120 -25.37 6.42 13.63
N GLY D 121 -24.09 6.49 13.98
CA GLY D 121 -23.04 5.65 13.36
C GLY D 121 -23.23 4.20 13.73
N ARG D 122 -22.68 3.31 12.91
CA ARG D 122 -22.78 1.84 13.05
C ARG D 122 -21.41 1.27 12.68
N TRP D 123 -21.11 0.08 13.19
CA TRP D 123 -20.01 -0.75 12.63
C TRP D 123 -20.49 -2.19 12.52
N ASP D 124 -19.89 -2.91 11.58
CA ASP D 124 -20.20 -4.34 11.31
C ASP D 124 -18.91 -5.14 11.36
N LEU D 125 -18.99 -6.32 11.96
CA LEU D 125 -17.92 -7.34 11.89
C LEU D 125 -17.82 -7.85 10.44
N GLY D 126 -16.62 -8.11 9.96
CA GLY D 126 -16.41 -8.48 8.55
C GLY D 126 -16.17 -7.22 7.77
N GLY D 127 -15.28 -7.29 6.80
CA GLY D 127 -14.74 -6.09 6.11
C GLY D 127 -15.45 -5.78 4.81
N LYS D 128 -16.56 -6.43 4.50
CA LYS D 128 -17.29 -6.20 3.24
C LYS D 128 -17.92 -4.80 3.28
N TRP D 129 -17.79 -4.07 2.18
CA TRP D 129 -18.56 -2.85 1.88
C TRP D 129 -20.04 -3.23 1.76
N GLN D 130 -20.90 -2.25 2.00
CA GLN D 130 -22.33 -2.52 2.01
C GLN D 130 -22.76 -2.89 0.59
N PRO D 131 -23.48 -4.01 0.41
CA PRO D 131 -23.91 -4.40 -0.93
C PRO D 131 -24.89 -3.32 -1.44
N GLY D 132 -24.79 -3.00 -2.71
CA GLY D 132 -25.71 -2.01 -3.30
C GLY D 132 -25.11 -0.63 -3.34
N ARG D 133 -24.18 -0.28 -2.42
CA ARG D 133 -23.46 1.00 -2.51
C ARG D 133 -22.64 0.94 -3.82
N GLY D 134 -22.76 1.97 -4.64
CA GLY D 134 -21.98 2.11 -5.86
C GLY D 134 -20.54 2.53 -5.56
N PRO D 135 -19.72 2.71 -6.61
CA PRO D 135 -18.32 3.03 -6.46
C PRO D 135 -18.11 4.40 -5.81
N CYS D 136 -16.97 4.57 -5.15
CA CYS D 136 -16.62 5.81 -4.40
C CYS D 136 -16.41 6.96 -5.41
N VAL D 137 -17.12 8.07 -5.22
CA VAL D 137 -17.00 9.24 -6.13
C VAL D 137 -15.59 9.82 -6.04
N LEU D 138 -14.89 9.61 -4.92
CA LEU D 138 -13.50 10.11 -4.77
C LEU D 138 -12.51 9.13 -5.40
N GLN D 139 -12.58 7.84 -5.10
CA GLN D 139 -11.46 6.93 -5.43
C GLN D 139 -11.77 6.00 -6.58
N GLU D 140 -13.00 5.99 -7.08
CA GLU D 140 -13.42 5.10 -8.20
C GLU D 140 -14.21 5.93 -9.20
N TYR D 141 -13.71 7.09 -9.58
CA TYR D 141 -14.46 8.10 -10.39
C TYR D 141 -14.95 7.47 -11.70
N GLN D 142 -14.07 6.81 -12.44
CA GLN D 142 -14.48 6.34 -13.79
C GLN D 142 -15.55 5.25 -13.60
N GLN D 143 -15.39 4.38 -12.60
CA GLN D 143 -16.40 3.31 -12.33
C GLN D 143 -17.70 3.96 -11.86
N PHE D 144 -17.62 4.96 -10.98
CA PHE D 144 -18.80 5.75 -10.51
C PHE D 144 -19.51 6.36 -11.72
N ARG D 145 -18.77 7.06 -12.58
CA ARG D 145 -19.32 7.79 -13.75
C ARG D 145 -20.05 6.81 -14.66
N GLU D 146 -19.42 5.67 -14.97
CA GLU D 146 -20.02 4.67 -15.88
C GLU D 146 -21.25 4.04 -15.22
N ASN D 147 -21.19 3.72 -13.93
CA ASN D 147 -22.30 3.03 -13.20
C ASN D 147 -23.54 3.93 -13.24
N VAL D 148 -23.39 5.25 -13.25
CA VAL D 148 -24.53 6.20 -13.39
C VAL D 148 -25.01 6.20 -14.85
N LEU D 149 -24.14 6.51 -15.81
CA LEU D 149 -24.56 6.76 -17.21
C LEU D 149 -25.14 5.50 -17.86
N ARG D 150 -24.72 4.33 -17.39
CA ARG D 150 -25.03 3.01 -17.98
C ARG D 150 -26.33 2.48 -17.38
N ASN D 151 -26.91 3.12 -16.36
CA ASN D 151 -28.13 2.64 -15.66
C ASN D 151 -29.13 3.80 -15.44
N LEU D 152 -29.23 4.75 -16.37
CA LEU D 152 -30.18 5.90 -16.27
C LEU D 152 -31.63 5.42 -16.28
N ALA D 153 -31.92 4.22 -16.82
CA ALA D 153 -33.29 3.64 -16.85
C ALA D 153 -33.77 3.35 -15.41
N ASP D 154 -32.88 3.04 -14.47
CA ASP D 154 -33.25 2.72 -13.06
C ASP D 154 -34.19 3.80 -12.52
N LYS D 155 -35.14 3.39 -11.66
CA LYS D 155 -36.23 4.28 -11.17
C LYS D 155 -35.64 5.34 -10.24
N ALA D 156 -34.44 5.10 -9.70
CA ALA D 156 -33.74 6.10 -8.86
C ALA D 156 -33.64 7.44 -9.59
N PHE D 157 -33.51 7.45 -10.92
CA PHE D 157 -33.30 8.68 -11.74
C PHE D 157 -34.64 9.32 -12.14
N ASP D 158 -35.77 8.71 -11.75
CA ASP D 158 -37.12 9.33 -11.89
C ASP D 158 -37.25 10.51 -10.92
N ARG D 159 -36.46 10.52 -9.85
CA ARG D 159 -36.62 11.46 -8.72
C ARG D 159 -35.94 12.78 -9.06
N PRO D 160 -36.27 13.87 -8.32
CA PRO D 160 -35.52 15.12 -8.39
C PRO D 160 -34.01 14.90 -8.29
N ILE D 161 -33.22 15.68 -9.02
CA ILE D 161 -31.75 15.45 -9.07
C ILE D 161 -31.21 15.57 -7.64
N CYS D 162 -31.77 16.47 -6.81
CA CYS D 162 -31.20 16.71 -5.46
C CYS D 162 -31.42 15.48 -4.59
N GLU D 163 -32.48 14.71 -4.82
CA GLU D 163 -32.76 13.47 -4.04
C GLU D 163 -31.87 12.35 -4.57
N ALA D 164 -31.76 12.22 -5.88
CA ALA D 164 -30.96 11.16 -6.54
C ALA D 164 -29.51 11.29 -6.12
N LEU D 165 -28.98 12.48 -5.82
CA LEU D 165 -27.57 12.70 -5.44
C LEU D 165 -27.29 12.11 -4.05
N LEU D 166 -28.33 11.89 -3.23
CA LEU D 166 -28.21 11.24 -1.90
C LEU D 166 -28.36 9.72 -2.03
N ASP D 167 -28.77 9.18 -3.19
CA ASP D 167 -28.93 7.72 -3.40
C ASP D 167 -27.56 7.03 -3.46
N GLN D 168 -27.17 6.31 -2.41
CA GLN D 168 -25.77 5.82 -2.26
C GLN D 168 -25.49 4.65 -3.22
N ARG D 169 -26.47 4.14 -3.94
CA ARG D 169 -26.24 3.08 -4.94
C ARG D 169 -25.52 3.66 -6.16
N PHE D 170 -25.65 4.98 -6.38
CA PHE D 170 -25.10 5.69 -7.56
C PHE D 170 -24.15 6.82 -7.18
N PHE D 171 -24.31 7.42 -6.00
CA PHE D 171 -23.52 8.60 -5.54
C PHE D 171 -22.93 8.33 -4.16
N ASN D 172 -22.26 7.19 -4.02
CA ASN D 172 -21.64 6.72 -2.76
C ASN D 172 -20.62 7.76 -2.32
N GLY D 173 -20.92 8.54 -1.29
CA GLY D 173 -20.03 9.60 -0.77
C GLY D 173 -20.73 10.94 -0.73
N ILE D 174 -21.83 11.11 -1.47
CA ILE D 174 -22.50 12.43 -1.57
C ILE D 174 -23.50 12.56 -0.43
N GLY D 175 -23.44 13.67 0.28
CA GLY D 175 -24.39 14.05 1.33
C GLY D 175 -24.91 15.46 1.16
N ASN D 176 -25.48 16.01 2.23
CA ASN D 176 -26.41 17.15 2.11
C ASN D 176 -25.66 18.39 1.64
N TYR D 177 -24.50 18.67 2.21
CA TYR D 177 -23.73 19.88 1.84
C TYR D 177 -23.20 19.67 0.43
N LEU D 178 -22.79 18.46 0.05
CA LEU D 178 -22.17 18.25 -1.29
C LEU D 178 -23.23 18.43 -2.37
N ARG D 179 -24.46 17.96 -2.17
CA ARG D 179 -25.49 18.08 -3.23
C ARG D 179 -25.79 19.57 -3.48
N ALA D 180 -25.83 20.39 -2.44
CA ALA D 180 -26.07 21.83 -2.57
C ALA D 180 -24.90 22.50 -3.34
N GLU D 181 -23.67 22.21 -2.94
CA GLU D 181 -22.46 22.83 -3.51
C GLU D 181 -22.33 22.42 -4.98
N ILE D 182 -22.63 21.16 -5.32
CA ILE D 182 -22.49 20.60 -6.70
C ILE D 182 -23.50 21.30 -7.60
N LEU D 183 -24.78 21.31 -7.22
CA LEU D 183 -25.87 21.91 -8.06
C LEU D 183 -25.69 23.42 -8.22
N TYR D 184 -25.22 24.09 -7.18
CA TYR D 184 -24.98 25.56 -7.20
C TYR D 184 -23.93 25.89 -8.28
N ARG D 185 -22.88 25.09 -8.41
CA ARG D 185 -21.76 25.36 -9.35
C ARG D 185 -22.22 25.25 -10.81
N LEU D 186 -23.26 24.47 -11.11
CA LEU D 186 -23.85 24.41 -12.47
C LEU D 186 -25.19 25.17 -12.52
N LYS D 187 -25.62 25.77 -11.42
CA LYS D 187 -26.91 26.50 -11.35
C LYS D 187 -28.00 25.61 -11.98
N ILE D 188 -27.98 24.32 -11.65
CA ILE D 188 -29.06 23.34 -11.96
C ILE D 188 -30.12 23.47 -10.87
N PRO D 189 -31.39 23.74 -11.23
CA PRO D 189 -32.49 23.63 -10.27
C PRO D 189 -32.50 22.27 -9.56
N PRO D 190 -32.57 22.25 -8.21
CA PRO D 190 -32.49 21.00 -7.46
C PRO D 190 -33.63 20.02 -7.67
N PHE D 191 -34.79 20.50 -8.11
CA PHE D 191 -35.98 19.66 -8.36
C PHE D 191 -36.23 19.51 -9.86
N GLU D 192 -35.17 19.68 -10.65
CA GLU D 192 -35.13 19.17 -12.03
C GLU D 192 -35.10 17.64 -11.94
N LYS D 193 -35.71 16.93 -12.89
CA LYS D 193 -35.68 15.44 -12.91
C LYS D 193 -34.25 14.99 -13.19
N ALA D 194 -33.76 14.04 -12.40
CA ALA D 194 -32.38 13.51 -12.49
C ALA D 194 -32.12 13.01 -13.92
N ARG D 195 -33.05 12.25 -14.50
CA ARG D 195 -32.86 11.66 -15.84
C ARG D 195 -32.65 12.78 -16.88
N SER D 196 -33.35 13.90 -16.77
CA SER D 196 -33.21 15.03 -17.75
C SER D 196 -31.80 15.63 -17.64
N VAL D 197 -31.28 15.81 -16.44
CA VAL D 197 -29.98 16.51 -16.24
C VAL D 197 -28.87 15.56 -16.72
N LEU D 198 -29.07 14.25 -16.65
CA LEU D 198 -28.00 13.25 -16.86
C LEU D 198 -28.02 12.72 -18.29
N GLU D 199 -29.17 12.64 -18.95
CA GLU D 199 -29.29 12.15 -20.36
C GLU D 199 -28.49 13.07 -21.28
N ALA D 200 -28.41 14.38 -20.99
CA ALA D 200 -27.49 15.37 -21.64
C ALA D 200 -26.08 14.78 -21.87
N LEU D 201 -25.53 14.10 -20.86
CA LEU D 201 -24.09 13.75 -20.70
C LEU D 201 -23.71 12.45 -21.46
N GLN D 202 -24.67 11.79 -22.12
CA GLN D 202 -24.42 10.58 -22.97
C GLN D 202 -24.07 11.03 -24.40
N PRO D 223 -16.55 21.27 -17.01
CA PRO D 223 -16.86 20.27 -15.96
C PRO D 223 -18.38 20.08 -15.79
N ASP D 224 -18.88 18.87 -16.09
CA ASP D 224 -20.32 18.48 -16.01
C ASP D 224 -20.65 17.92 -14.61
N LEU D 225 -21.92 17.56 -14.39
CA LEU D 225 -22.47 17.18 -13.07
C LEU D 225 -21.71 16.00 -12.46
N LEU D 226 -21.42 14.97 -13.25
CA LEU D 226 -20.77 13.73 -12.72
C LEU D 226 -19.30 14.04 -12.42
N GLU D 227 -18.68 14.92 -13.19
CA GLU D 227 -17.29 15.40 -12.95
C GLU D 227 -17.26 16.09 -11.58
N LEU D 228 -18.23 16.97 -11.29
CA LEU D 228 -18.27 17.75 -10.04
C LEU D 228 -18.55 16.83 -8.84
N CYS D 229 -19.23 15.69 -9.06
CA CYS D 229 -19.50 14.71 -7.99
C CYS D 229 -18.17 14.16 -7.48
N HIS D 230 -17.13 14.26 -8.29
CA HIS D 230 -15.75 13.87 -7.93
C HIS D 230 -14.98 15.12 -7.47
N SER D 231 -14.90 16.16 -8.29
CA SER D 231 -13.94 17.26 -8.07
C SER D 231 -14.40 18.12 -6.87
N VAL D 232 -15.70 18.27 -6.66
CA VAL D 232 -16.17 19.11 -5.52
C VAL D 232 -15.72 18.46 -4.20
N PRO D 233 -16.04 17.18 -3.93
CA PRO D 233 -15.58 16.56 -2.69
C PRO D 233 -14.05 16.52 -2.57
N LYS D 234 -13.37 16.39 -3.71
CA LYS D 234 -11.90 16.40 -3.75
C LYS D 234 -11.39 17.76 -3.24
N GLU D 235 -12.14 18.85 -3.45
CA GLU D 235 -11.71 20.19 -2.98
C GLU D 235 -11.69 20.20 -1.45
N VAL D 236 -12.67 19.55 -0.83
CA VAL D 236 -12.81 19.48 0.65
C VAL D 236 -11.59 18.74 1.17
N VAL D 237 -11.26 17.61 0.55
CA VAL D 237 -10.09 16.78 0.94
C VAL D 237 -8.82 17.63 0.90
N GLN D 238 -8.67 18.51 -0.10
CA GLN D 238 -7.42 19.27 -0.32
C GLN D 238 -7.34 20.43 0.67
N LEU D 239 -8.44 20.86 1.29
CA LEU D 239 -8.38 21.81 2.43
C LEU D 239 -7.64 21.14 3.59
N GLY D 240 -7.89 19.85 3.83
CA GLY D 240 -7.37 19.08 4.98
C GLY D 240 -8.41 19.05 6.10
N GLY D 241 -8.02 18.56 7.28
CA GLY D 241 -8.74 18.84 8.54
C GLY D 241 -10.06 18.10 8.62
N GLU D 250 -9.74 23.93 14.88
CA GLU D 250 -9.77 25.41 14.76
C GLU D 250 -9.82 25.76 13.26
N GLU D 251 -8.73 26.34 12.74
CA GLU D 251 -8.54 26.87 11.36
C GLU D 251 -9.25 26.02 10.32
N ASP D 252 -9.20 24.69 10.44
CA ASP D 252 -9.82 23.71 9.51
C ASP D 252 -11.33 23.94 9.42
N PHE D 253 -11.97 24.32 10.54
CA PHE D 253 -13.43 24.61 10.61
C PHE D 253 -13.72 25.89 9.83
N ALA D 254 -12.90 26.92 10.03
CA ALA D 254 -13.02 28.25 9.39
C ALA D 254 -12.78 28.12 7.89
N ALA D 255 -11.73 27.36 7.54
CA ALA D 255 -11.35 27.03 6.13
C ALA D 255 -12.58 26.47 5.40
N PHE D 256 -13.32 25.56 6.03
CA PHE D 256 -14.48 24.86 5.41
C PHE D 256 -15.60 25.87 5.19
N ARG D 257 -15.92 26.69 6.19
CA ARG D 257 -17.10 27.59 6.16
C ARG D 257 -16.89 28.65 5.06
N ALA D 258 -15.64 29.05 4.86
CA ALA D 258 -15.20 30.00 3.81
C ALA D 258 -15.33 29.36 2.41
N TRP D 259 -15.05 28.07 2.29
CA TRP D 259 -15.14 27.27 1.03
C TRP D 259 -16.58 27.14 0.56
N LEU D 260 -17.53 26.95 1.49
CA LEU D 260 -18.97 26.81 1.16
C LEU D 260 -19.44 28.04 0.38
N ARG D 261 -20.11 27.84 -0.74
CA ARG D 261 -20.68 28.94 -1.54
C ARG D 261 -22.21 28.96 -1.41
N CYS D 262 -22.84 27.87 -1.00
CA CYS D 262 -24.31 27.72 -1.09
C CYS D 262 -24.91 27.17 0.20
N TYR D 263 -24.44 26.02 0.67
CA TYR D 263 -25.05 25.33 1.84
C TYR D 263 -25.03 26.29 3.03
N GLY D 264 -26.22 26.71 3.48
CA GLY D 264 -26.42 27.53 4.70
C GLY D 264 -25.92 28.97 4.55
N MET D 265 -25.66 29.44 3.33
CA MET D 265 -25.06 30.78 3.09
C MET D 265 -26.15 31.84 2.98
N PRO D 266 -25.91 33.06 3.51
CA PRO D 266 -26.92 34.11 3.47
C PRO D 266 -27.34 34.39 2.02
N GLY D 267 -28.62 34.72 1.81
CA GLY D 267 -29.20 35.07 0.50
C GLY D 267 -29.45 33.86 -0.39
N MET D 268 -29.42 32.65 0.18
CA MET D 268 -29.74 31.41 -0.57
C MET D 268 -31.15 30.95 -0.18
N SER D 269 -31.89 30.35 -1.12
CA SER D 269 -33.18 29.66 -0.87
C SER D 269 -32.89 28.32 -0.16
N SER D 270 -33.91 27.72 0.46
CA SER D 270 -33.86 26.35 1.01
C SER D 270 -35.26 25.74 0.97
N LEU D 271 -35.38 24.46 0.63
CA LEU D 271 -36.64 23.70 0.69
C LEU D 271 -36.38 22.34 1.35
N GLN D 272 -37.46 21.67 1.76
CA GLN D 272 -37.44 20.25 2.20
C GLN D 272 -37.70 19.37 0.97
N ASP D 273 -36.83 18.37 0.75
CA ASP D 273 -37.09 17.23 -0.18
C ASP D 273 -38.11 16.29 0.46
N ARG D 274 -38.46 15.20 -0.22
CA ARG D 274 -39.60 14.34 0.18
C ARG D 274 -39.25 13.55 1.44
N HIS D 275 -37.98 13.51 1.88
CA HIS D 275 -37.58 12.83 3.14
C HIS D 275 -37.28 13.85 4.23
N GLY D 276 -37.64 15.12 4.02
CA GLY D 276 -37.50 16.20 5.03
C GLY D 276 -36.06 16.66 5.22
N ARG D 277 -35.17 16.40 4.26
CA ARG D 277 -33.79 16.93 4.26
C ARG D 277 -33.71 18.25 3.48
N THR D 278 -33.00 19.23 4.05
CA THR D 278 -32.93 20.63 3.55
C THR D 278 -31.98 20.69 2.35
N ILE D 279 -32.47 21.15 1.21
CA ILE D 279 -31.64 21.45 0.00
C ILE D 279 -31.48 22.98 -0.11
N TRP D 280 -30.22 23.45 -0.09
CA TRP D 280 -29.82 24.87 -0.33
C TRP D 280 -29.53 25.08 -1.82
N PHE D 281 -29.98 26.21 -2.38
CA PHE D 281 -29.87 26.55 -3.82
C PHE D 281 -30.06 28.05 -4.04
N GLN D 282 -29.79 28.48 -5.27
CA GLN D 282 -30.06 29.84 -5.80
C GLN D 282 -31.09 29.72 -6.94
N GLY D 283 -32.09 30.60 -6.93
CA GLY D 283 -33.02 30.79 -8.06
C GLY D 283 -34.07 29.69 -8.16
N ASP D 284 -34.21 29.12 -9.35
CA ASP D 284 -35.38 28.29 -9.77
C ASP D 284 -35.37 27.05 -8.90
N PRO D 285 -36.42 26.77 -8.09
CA PRO D 285 -36.51 25.51 -7.37
C PRO D 285 -36.57 24.29 -8.29
N GLY D 286 -37.29 24.40 -9.42
CA GLY D 286 -37.38 23.30 -10.41
C GLY D 286 -38.78 22.69 -10.43
N PRO D 287 -39.12 21.92 -11.48
CA PRO D 287 -40.49 21.42 -11.68
C PRO D 287 -41.05 20.54 -10.56
N LEU D 288 -40.29 19.57 -10.02
CA LEU D 288 -40.82 18.47 -9.15
C LEU D 288 -40.80 18.87 -7.67
N ALA D 289 -40.87 20.17 -7.37
CA ALA D 289 -40.88 20.72 -5.99
C ALA D 289 -42.08 20.18 -5.22
N PRO D 290 -41.95 19.90 -3.89
CA PRO D 290 -43.09 19.62 -3.03
C PRO D 290 -43.99 20.84 -2.80
N GLY G 2 23.54 -16.67 13.86
CA GLY G 2 22.27 -16.25 14.45
C GLY G 2 22.41 -15.91 15.92
N GLN G 3 21.28 -15.59 16.52
CA GLN G 3 21.17 -15.12 17.90
C GLN G 3 20.45 -16.22 18.65
N GLY G 4 20.24 -16.02 19.94
CA GLY G 4 19.52 -16.96 20.83
C GLY G 4 18.39 -17.65 20.08
N PRO G 5 17.43 -16.90 19.51
CA PRO G 5 16.24 -17.53 18.95
C PRO G 5 16.56 -18.50 17.80
N GLU G 6 17.55 -18.17 16.96
CA GLU G 6 17.93 -18.98 15.76
C GLU G 6 18.61 -20.28 16.23
N LEU G 7 19.48 -20.18 17.24
CA LEU G 7 20.15 -21.35 17.82
C LEU G 7 19.08 -22.27 18.42
N HIS G 8 18.15 -21.69 19.20
CA HIS G 8 17.05 -22.44 19.84
C HIS G 8 16.23 -23.15 18.76
N LEU G 9 15.79 -22.43 17.70
CA LEU G 9 14.93 -23.00 16.64
C LEU G 9 15.67 -24.10 15.87
N ALA G 10 16.97 -23.92 15.58
CA ALA G 10 17.82 -24.93 14.93
C ALA G 10 17.82 -26.22 15.78
N SER G 11 17.97 -26.11 17.09
CA SER G 11 17.98 -27.28 18.03
C SER G 11 16.61 -28.00 18.01
N GLN G 12 15.51 -27.24 17.98
CA GLN G 12 14.13 -27.81 17.87
C GLN G 12 13.99 -28.53 16.53
N PHE G 13 14.55 -27.95 15.47
CA PHE G 13 14.50 -28.50 14.09
C PHE G 13 15.20 -29.86 14.06
N VAL G 14 16.42 -29.92 14.58
CA VAL G 14 17.25 -31.16 14.66
C VAL G 14 16.47 -32.23 15.42
N ASN G 15 15.88 -31.89 16.58
CA ASN G 15 15.16 -32.90 17.39
C ASN G 15 13.93 -33.40 16.62
N GLU G 16 13.12 -32.51 16.03
CA GLU G 16 11.81 -32.85 15.43
C GLU G 16 11.99 -33.27 13.97
N ALA G 17 13.22 -33.56 13.53
CA ALA G 17 13.53 -34.11 12.18
C ALA G 17 14.31 -35.44 12.26
N CYS G 18 15.26 -35.55 13.19
CA CYS G 18 16.42 -36.49 13.13
C CYS G 18 15.92 -37.93 12.94
N VAL G 27 31.28 -39.02 10.60
CA VAL G 27 30.83 -37.63 10.29
C VAL G 27 31.81 -37.02 9.29
N GLU G 28 31.30 -36.68 8.11
CA GLU G 28 32.11 -36.17 6.97
C GLU G 28 32.20 -34.63 7.03
N LYS G 29 33.44 -34.12 7.00
CA LYS G 29 33.76 -32.68 6.92
C LYS G 29 34.12 -32.30 5.48
N SER G 30 33.72 -31.12 5.00
CA SER G 30 34.18 -30.56 3.71
C SER G 30 35.71 -30.32 3.79
N SER G 31 36.42 -30.32 2.67
CA SER G 31 37.91 -30.19 2.68
C SER G 31 38.33 -28.76 3.04
N VAL G 32 37.50 -27.75 2.80
CA VAL G 32 37.87 -26.31 2.99
C VAL G 32 37.64 -25.85 4.45
N SER G 33 36.75 -26.50 5.21
CA SER G 33 36.49 -26.18 6.64
C SER G 33 37.77 -26.28 7.46
N ARG G 34 38.12 -25.21 8.19
CA ARG G 34 39.29 -25.17 9.12
C ARG G 34 38.86 -25.70 10.50
N ASN G 35 37.61 -26.13 10.68
CA ASN G 35 37.15 -26.81 11.91
C ASN G 35 37.69 -28.24 11.94
N PRO G 36 37.81 -28.87 13.14
CA PRO G 36 38.42 -30.20 13.24
C PRO G 36 37.52 -31.34 12.73
N GLU G 37 38.16 -32.39 12.23
CA GLU G 37 37.48 -33.66 11.83
C GLU G 37 36.79 -34.20 13.09
N VAL G 38 35.57 -34.74 12.91
CA VAL G 38 34.77 -35.38 13.99
C VAL G 38 35.07 -36.88 13.97
N PRO G 39 35.86 -37.41 14.94
CA PRO G 39 36.21 -38.83 14.96
C PRO G 39 35.05 -39.67 15.50
N ILE G 47 20.78 -38.35 16.42
CA ILE G 47 21.21 -36.93 16.69
C ILE G 47 20.13 -36.26 17.52
N SER G 48 20.51 -35.70 18.66
CA SER G 48 19.66 -34.83 19.50
C SER G 48 20.38 -33.48 19.69
N ALA G 49 19.66 -32.44 20.07
CA ALA G 49 20.23 -31.08 20.18
C ALA G 49 19.64 -30.34 21.37
N SER G 50 20.41 -29.37 21.89
CA SER G 50 19.96 -28.38 22.88
C SER G 50 20.68 -27.07 22.54
N ALA G 51 20.06 -25.93 22.82
CA ALA G 51 20.68 -24.59 22.66
C ALA G 51 20.88 -23.97 24.04
N ARG G 52 21.94 -23.17 24.21
CA ARG G 52 22.09 -22.21 25.33
C ARG G 52 22.67 -20.92 24.77
N GLY G 53 21.85 -19.86 24.70
CA GLY G 53 22.26 -18.56 24.14
C GLY G 53 22.67 -18.75 22.69
N LYS G 54 23.87 -18.33 22.33
CA LYS G 54 24.38 -18.37 20.94
C LYS G 54 25.16 -19.66 20.66
N GLU G 55 24.95 -20.72 21.44
CA GLU G 55 25.66 -22.03 21.29
C GLU G 55 24.65 -23.15 21.14
N LEU G 56 24.99 -24.19 20.37
CA LEU G 56 24.11 -25.36 20.14
C LEU G 56 24.93 -26.62 20.43
N ARG G 57 24.38 -27.56 21.19
CA ARG G 57 25.07 -28.82 21.55
C ARG G 57 24.36 -29.94 20.81
N LEU G 58 25.08 -30.67 19.94
CA LEU G 58 24.62 -31.94 19.30
C LEU G 58 25.11 -33.10 20.17
N ILE G 59 24.25 -34.07 20.50
CA ILE G 59 24.65 -35.34 21.15
C ILE G 59 24.44 -36.46 20.12
N LEU G 60 25.47 -37.29 19.86
CA LEU G 60 25.46 -38.34 18.81
C LEU G 60 25.03 -39.69 19.42
N GLU G 71 30.40 -44.79 23.24
CA GLU G 71 29.86 -43.79 24.19
C GLU G 71 29.30 -42.59 23.41
N PRO G 72 28.27 -41.90 23.93
CA PRO G 72 27.69 -40.74 23.24
C PRO G 72 28.58 -39.48 23.23
N LEU G 73 28.88 -38.97 22.03
CA LEU G 73 29.82 -37.83 21.81
C LEU G 73 29.03 -36.54 21.65
N ALA G 74 29.42 -35.49 22.38
CA ALA G 74 28.78 -34.16 22.35
C ALA G 74 29.69 -33.18 21.60
N LEU G 75 29.09 -32.35 20.74
CA LEU G 75 29.77 -31.32 19.89
C LEU G 75 29.06 -30.00 20.12
N VAL G 76 29.80 -28.92 20.33
CA VAL G 76 29.24 -27.56 20.51
C VAL G 76 29.51 -26.77 19.23
N PHE G 77 28.49 -26.08 18.74
CA PHE G 77 28.49 -25.19 17.56
C PHE G 77 28.28 -23.73 17.98
N ARG G 78 29.07 -22.82 17.40
CA ARG G 78 28.72 -21.39 17.23
C ARG G 78 28.44 -21.16 15.74
N PHE G 79 27.41 -20.41 15.41
CA PHE G 79 26.88 -20.28 14.03
C PHE G 79 27.58 -19.13 13.32
N GLY G 80 28.14 -18.15 14.04
CA GLY G 80 28.63 -16.91 13.43
C GLY G 80 27.53 -16.19 12.65
N MET G 81 27.84 -15.61 11.51
CA MET G 81 26.86 -14.82 10.72
C MET G 81 25.90 -15.71 9.93
N SER G 82 26.23 -16.96 9.61
CA SER G 82 25.53 -17.68 8.51
C SER G 82 25.46 -19.20 8.69
N GLY G 83 25.46 -19.69 9.93
CA GLY G 83 25.37 -21.14 10.23
C GLY G 83 23.92 -21.60 10.32
N SER G 84 23.68 -22.89 10.10
CA SER G 84 22.35 -23.54 10.09
C SER G 84 22.51 -25.03 9.94
N PHE G 85 21.43 -25.77 10.16
CA PHE G 85 21.33 -27.23 9.92
C PHE G 85 20.25 -27.45 8.87
N GLN G 86 20.49 -28.32 7.88
CA GLN G 86 19.50 -28.69 6.83
C GLN G 86 19.41 -30.22 6.76
N LEU G 87 18.22 -30.75 6.50
CA LEU G 87 17.99 -32.19 6.19
C LEU G 87 17.74 -32.29 4.68
N VAL G 88 18.66 -32.90 3.93
CA VAL G 88 18.69 -32.89 2.43
C VAL G 88 18.81 -34.32 1.88
N PRO G 89 18.39 -34.54 0.62
CA PRO G 89 18.68 -35.81 -0.05
C PRO G 89 20.21 -36.03 -0.17
N ARG G 90 20.67 -37.25 0.15
CA ARG G 90 22.11 -37.65 0.29
C ARG G 90 22.94 -37.20 -0.92
N GLU G 91 22.36 -37.22 -2.12
CA GLU G 91 23.04 -36.85 -3.39
C GLU G 91 22.81 -35.37 -3.75
N GLU G 92 22.01 -34.62 -2.96
CA GLU G 92 21.70 -33.19 -3.23
C GLU G 92 22.13 -32.32 -2.04
N LEU G 93 23.41 -32.40 -1.63
CA LEU G 93 24.02 -31.56 -0.55
C LEU G 93 24.04 -30.11 -1.03
N PRO G 94 23.62 -29.13 -0.19
CA PRO G 94 23.81 -27.73 -0.53
C PRO G 94 25.29 -27.34 -0.55
N ARG G 95 25.60 -26.27 -1.29
CA ARG G 95 26.86 -25.50 -1.18
C ARG G 95 27.03 -25.10 0.28
N HIS G 96 28.26 -25.26 0.78
CA HIS G 96 28.70 -24.82 2.12
C HIS G 96 28.16 -25.78 3.19
N ALA G 97 27.88 -27.03 2.82
CA ALA G 97 27.67 -28.14 3.78
C ALA G 97 29.05 -28.57 4.30
N HIS G 98 29.45 -28.08 5.48
CA HIS G 98 30.83 -28.26 6.02
C HIS G 98 30.90 -29.50 6.90
N LEU G 99 29.77 -30.02 7.41
CA LEU G 99 29.76 -31.23 8.27
C LEU G 99 28.44 -31.99 8.02
N ARG G 100 28.52 -33.31 7.78
CA ARG G 100 27.36 -34.11 7.29
C ARG G 100 27.26 -35.44 8.02
N PHE G 101 26.03 -35.84 8.32
CA PHE G 101 25.67 -37.09 9.03
C PHE G 101 24.66 -37.81 8.13
N TYR G 102 24.90 -39.08 7.80
CA TYR G 102 24.12 -39.83 6.77
C TYR G 102 23.23 -40.87 7.47
N THR G 103 21.96 -40.92 7.11
CA THR G 103 21.06 -41.90 7.67
C THR G 103 21.55 -43.29 7.33
N ALA G 104 21.04 -44.30 8.03
CA ALA G 104 21.41 -45.68 7.78
C ALA G 104 20.57 -46.20 6.61
N PRO G 105 21.00 -47.32 6.00
CA PRO G 105 20.18 -47.81 4.88
C PRO G 105 19.07 -48.73 5.37
N PRO G 106 17.83 -48.50 4.93
CA PRO G 106 17.50 -48.02 3.58
C PRO G 106 16.79 -46.68 3.62
N GLY G 107 16.50 -46.12 2.46
CA GLY G 107 15.81 -44.86 2.37
C GLY G 107 16.46 -43.76 3.18
N ALA G 111 20.68 -36.76 4.40
CA ALA G 111 21.91 -36.24 5.03
C ALA G 111 21.59 -35.00 5.87
N LEU G 112 21.90 -35.05 7.17
CA LEU G 112 21.84 -33.86 8.05
C LEU G 112 23.14 -33.08 7.88
N CYS G 113 23.05 -31.80 7.55
CA CYS G 113 24.20 -30.92 7.22
C CYS G 113 24.28 -29.72 8.16
N PHE G 114 25.47 -29.42 8.69
CA PHE G 114 25.85 -28.07 9.17
C PHE G 114 26.29 -27.25 7.95
N VAL G 115 25.55 -26.19 7.64
CA VAL G 115 25.76 -25.29 6.48
C VAL G 115 26.16 -23.93 7.04
N ASP G 116 27.24 -23.35 6.51
CA ASP G 116 27.82 -22.06 6.97
C ASP G 116 28.49 -21.36 5.78
N ILE G 117 27.75 -20.48 5.11
CA ILE G 117 28.19 -19.77 3.89
C ILE G 117 29.54 -19.09 4.20
N ARG G 118 29.57 -18.25 5.23
CA ARG G 118 30.71 -17.31 5.46
C ARG G 118 31.81 -17.98 6.30
N ARG G 119 31.52 -19.12 6.93
CA ARG G 119 32.50 -19.92 7.72
C ARG G 119 33.00 -19.12 8.93
N PHE G 120 32.20 -18.21 9.48
CA PHE G 120 32.52 -17.53 10.76
C PHE G 120 32.16 -18.48 11.92
N GLY G 121 31.30 -19.47 11.64
CA GLY G 121 30.90 -20.51 12.61
C GLY G 121 32.08 -21.40 12.98
N ARG G 122 31.98 -22.05 14.14
CA ARG G 122 33.02 -22.95 14.70
C ARG G 122 32.29 -24.17 15.26
N TRP G 123 32.93 -25.36 15.29
CA TRP G 123 32.51 -26.44 16.21
C TRP G 123 33.73 -26.97 16.96
N ASP G 124 33.51 -27.44 18.18
CA ASP G 124 34.58 -27.89 19.12
C ASP G 124 34.24 -29.31 19.58
N LEU G 125 35.29 -30.15 19.71
CA LEU G 125 35.20 -31.50 20.32
C LEU G 125 34.94 -31.33 21.82
N GLY G 126 34.09 -32.17 22.40
CA GLY G 126 33.70 -32.03 23.81
C GLY G 126 32.51 -31.10 23.93
N GLY G 127 31.73 -31.27 24.99
CA GLY G 127 30.42 -30.63 25.11
C GLY G 127 30.44 -29.39 26.00
N LYS G 128 31.63 -28.85 26.32
CA LYS G 128 31.74 -27.69 27.26
C LYS G 128 31.05 -26.45 26.64
N TRP G 129 30.20 -25.77 27.43
CA TRP G 129 29.71 -24.41 27.12
C TRP G 129 30.90 -23.45 27.24
N GLN G 130 30.89 -22.34 26.53
CA GLN G 130 32.04 -21.41 26.56
C GLN G 130 32.12 -20.81 27.97
N PRO G 131 33.29 -20.86 28.63
CA PRO G 131 33.46 -20.13 29.87
C PRO G 131 33.26 -18.63 29.60
N GLY G 132 32.66 -17.93 30.56
CA GLY G 132 32.55 -16.47 30.52
C GLY G 132 31.16 -16.05 30.04
N ARG G 133 30.57 -16.83 29.12
CA ARG G 133 29.21 -16.57 28.59
C ARG G 133 28.26 -16.70 29.79
N GLY G 134 27.42 -15.68 29.97
CA GLY G 134 26.40 -15.64 31.02
C GLY G 134 25.26 -16.60 30.69
N PRO G 135 24.26 -16.69 31.59
CA PRO G 135 23.13 -17.59 31.41
C PRO G 135 22.28 -17.16 30.19
N CYS G 136 21.57 -18.14 29.63
CA CYS G 136 20.77 -17.99 28.39
C CYS G 136 19.55 -17.15 28.73
N VAL G 137 19.35 -16.04 28.01
CA VAL G 137 18.24 -15.10 28.29
C VAL G 137 16.92 -15.82 28.03
N LEU G 138 16.91 -16.86 27.20
CA LEU G 138 15.69 -17.64 26.90
C LEU G 138 15.43 -18.68 27.99
N GLN G 139 16.43 -19.48 28.37
CA GLN G 139 16.15 -20.68 29.17
C GLN G 139 16.62 -20.52 30.62
N GLU G 140 17.32 -19.45 30.97
CA GLU G 140 17.88 -19.24 32.33
C GLU G 140 17.63 -17.79 32.75
N TYR G 141 16.39 -17.31 32.54
CA TYR G 141 16.04 -15.88 32.72
C TYR G 141 16.41 -15.40 34.12
N GLN G 142 16.03 -16.12 35.16
CA GLN G 142 16.19 -15.57 36.53
C GLN G 142 17.69 -15.47 36.82
N GLN G 143 18.48 -16.47 36.39
CA GLN G 143 19.95 -16.47 36.58
C GLN G 143 20.54 -15.31 35.75
N PHE G 144 20.10 -15.15 34.50
CA PHE G 144 20.54 -14.04 33.62
C PHE G 144 20.25 -12.69 34.30
N ARG G 145 19.01 -12.49 34.77
CA ARG G 145 18.55 -11.22 35.40
C ARG G 145 19.43 -10.91 36.62
N GLU G 146 19.64 -11.88 37.50
CA GLU G 146 20.43 -11.70 38.74
C GLU G 146 21.89 -11.41 38.38
N ASN G 147 22.47 -12.13 37.41
CA ASN G 147 23.90 -11.94 37.02
C ASN G 147 24.11 -10.49 36.56
N VAL G 148 23.13 -9.85 35.93
CA VAL G 148 23.18 -8.41 35.53
C VAL G 148 23.08 -7.53 36.80
N LEU G 149 21.97 -7.65 37.53
CA LEU G 149 21.59 -6.68 38.60
C LEU G 149 22.61 -6.70 39.75
N ARG G 150 23.23 -7.86 39.99
CA ARG G 150 24.11 -8.10 41.16
C ARG G 150 25.53 -7.61 40.87
N ASN G 151 25.89 -7.37 39.59
CA ASN G 151 27.29 -7.09 39.19
C ASN G 151 27.40 -5.82 38.31
N LEU G 152 26.61 -4.79 38.63
CA LEU G 152 26.54 -3.52 37.85
C LEU G 152 27.88 -2.79 37.86
N ALA G 153 28.71 -2.99 38.90
CA ALA G 153 29.99 -2.29 39.12
C ALA G 153 31.00 -2.61 38.00
N ASP G 154 30.96 -3.84 37.47
CA ASP G 154 31.88 -4.31 36.40
C ASP G 154 31.94 -3.27 35.26
N LYS G 155 33.10 -3.13 34.63
CA LYS G 155 33.41 -2.08 33.63
C LYS G 155 32.55 -2.29 32.38
N ALA G 156 32.07 -3.52 32.17
CA ALA G 156 31.14 -3.87 31.07
C ALA G 156 30.01 -2.83 30.96
N PHE G 157 29.49 -2.32 32.09
CA PHE G 157 28.29 -1.45 32.13
C PHE G 157 28.67 0.03 31.95
N ASP G 158 29.96 0.33 31.80
CA ASP G 158 30.47 1.70 31.51
C ASP G 158 30.11 2.09 30.07
N ARG G 159 29.85 1.13 29.19
CA ARG G 159 29.67 1.41 27.74
C ARG G 159 28.24 1.87 27.46
N PRO G 160 27.98 2.47 26.27
CA PRO G 160 26.61 2.73 25.81
C PRO G 160 25.72 1.48 25.93
N ILE G 161 24.44 1.66 26.25
CA ILE G 161 23.54 0.50 26.53
C ILE G 161 23.51 -0.38 25.28
N CYS G 162 23.56 0.20 24.07
CA CYS G 162 23.43 -0.61 22.83
C CYS G 162 24.66 -1.52 22.68
N GLU G 163 25.83 -1.10 23.17
CA GLU G 163 27.07 -1.93 23.12
C GLU G 163 27.02 -3.00 24.22
N ALA G 164 26.61 -2.60 25.43
CA ALA G 164 26.51 -3.49 26.61
C ALA G 164 25.61 -4.69 26.28
N LEU G 165 24.54 -4.48 25.51
CA LEU G 165 23.53 -5.54 25.21
C LEU G 165 24.11 -6.62 24.30
N LEU G 166 25.23 -6.36 23.61
CA LEU G 166 25.95 -7.36 22.77
C LEU G 166 26.98 -8.14 23.59
N ASP G 167 27.31 -7.71 24.81
CA ASP G 167 28.35 -8.36 25.66
C ASP G 167 27.85 -9.74 26.15
N GLN G 168 28.38 -10.84 25.62
CA GLN G 168 27.77 -12.19 25.83
C GLN G 168 28.05 -12.71 27.26
N ARG G 169 28.86 -12.03 28.06
CA ARG G 169 29.07 -12.43 29.48
C ARG G 169 27.82 -12.12 30.31
N PHE G 170 26.99 -11.19 29.84
CA PHE G 170 25.78 -10.69 30.56
C PHE G 170 24.51 -10.89 29.75
N PHE G 171 24.59 -10.90 28.41
CA PHE G 171 23.42 -10.96 27.50
C PHE G 171 23.60 -12.10 26.50
N ASN G 172 23.87 -13.31 27.00
CA ASN G 172 24.13 -14.51 26.15
C ASN G 172 22.87 -14.78 25.35
N GLY G 173 22.91 -14.52 24.05
CA GLY G 173 21.78 -14.74 23.13
C GLY G 173 21.41 -13.45 22.41
N ILE G 174 21.79 -12.29 22.94
CA ILE G 174 21.35 -10.98 22.39
C ILE G 174 22.31 -10.56 21.29
N GLY G 175 21.76 -10.23 20.12
CA GLY G 175 22.53 -9.73 18.96
C GLY G 175 21.92 -8.49 18.37
N ASN G 176 22.29 -8.19 17.12
CA ASN G 176 22.16 -6.82 16.58
C ASN G 176 20.67 -6.46 16.47
N TYR G 177 19.87 -7.36 15.92
CA TYR G 177 18.44 -7.07 15.71
C TYR G 177 17.77 -7.06 17.09
N LEU G 178 18.16 -7.91 18.02
CA LEU G 178 17.47 -7.97 19.34
C LEU G 178 17.72 -6.67 20.13
N ARG G 179 18.94 -6.14 20.10
CA ARG G 179 19.26 -4.90 20.88
C ARG G 179 18.39 -3.74 20.34
N ALA G 180 18.21 -3.64 19.03
CA ALA G 180 17.38 -2.57 18.42
C ALA G 180 15.91 -2.75 18.83
N GLU G 181 15.39 -3.97 18.72
CA GLU G 181 13.98 -4.28 19.04
C GLU G 181 13.69 -4.00 20.52
N ILE G 182 14.61 -4.37 21.42
CA ILE G 182 14.44 -4.24 22.89
C ILE G 182 14.40 -2.75 23.25
N LEU G 183 15.40 -1.97 22.79
CA LEU G 183 15.53 -0.52 23.09
C LEU G 183 14.34 0.27 22.51
N TYR G 184 13.88 -0.08 21.30
CA TYR G 184 12.75 0.58 20.62
C TYR G 184 11.49 0.47 21.49
N ARG G 185 11.24 -0.69 22.10
CA ARG G 185 10.01 -0.96 22.90
C ARG G 185 9.95 -0.08 24.15
N LEU G 186 11.08 0.34 24.72
CA LEU G 186 11.11 1.27 25.87
C LEU G 186 11.56 2.67 25.42
N LYS G 187 11.81 2.88 24.12
CA LYS G 187 12.31 4.18 23.60
C LYS G 187 13.45 4.68 24.49
N ILE G 188 14.38 3.78 24.81
CA ILE G 188 15.68 4.10 25.47
C ILE G 188 16.65 4.53 24.37
N PRO G 189 17.23 5.76 24.46
CA PRO G 189 18.30 6.15 23.55
C PRO G 189 19.45 5.13 23.58
N PRO G 190 19.91 4.65 22.41
CA PRO G 190 20.91 3.58 22.36
C PRO G 190 22.29 3.94 22.92
N PHE G 191 22.62 5.23 22.97
CA PHE G 191 23.92 5.73 23.49
C PHE G 191 23.72 6.39 24.85
N GLU G 192 22.66 6.04 25.56
CA GLU G 192 22.58 6.24 27.02
C GLU G 192 23.61 5.30 27.66
N LYS G 193 24.22 5.67 28.78
CA LYS G 193 25.18 4.78 29.49
C LYS G 193 24.40 3.61 30.08
N ALA G 194 24.90 2.39 29.91
CA ALA G 194 24.26 1.14 30.37
C ALA G 194 23.98 1.22 31.87
N ARG G 195 24.94 1.66 32.68
CA ARG G 195 24.79 1.79 34.15
C ARG G 195 23.55 2.66 34.47
N SER G 196 23.37 3.78 33.78
CA SER G 196 22.24 4.72 34.04
C SER G 196 20.90 4.04 33.72
N VAL G 197 20.82 3.30 32.63
CA VAL G 197 19.56 2.68 32.16
C VAL G 197 19.17 1.58 33.15
N LEU G 198 20.15 0.91 33.75
CA LEU G 198 19.94 -0.34 34.53
C LEU G 198 19.79 -0.04 36.03
N GLU G 199 20.51 0.98 36.54
CA GLU G 199 20.46 1.38 37.97
C GLU G 199 19.03 1.80 38.32
N ALA G 200 18.37 2.47 37.38
CA ALA G 200 16.97 2.97 37.46
C ALA G 200 15.97 1.82 37.24
N LEU G 201 16.19 0.66 37.90
CA LEU G 201 15.31 -0.54 37.87
C LEU G 201 15.40 -1.28 39.21
N PRO G 223 6.75 -4.13 32.13
CA PRO G 223 7.94 -4.87 31.66
C PRO G 223 9.15 -3.97 31.44
N ASP G 224 10.23 -4.20 32.20
CA ASP G 224 11.50 -3.42 32.16
C ASP G 224 12.51 -4.04 31.17
N LEU G 225 13.67 -3.40 31.02
CA LEU G 225 14.71 -3.74 30.01
C LEU G 225 15.14 -5.21 30.12
N LEU G 226 15.41 -5.69 31.33
CA LEU G 226 15.92 -7.07 31.54
C LEU G 226 14.82 -8.09 31.25
N GLU G 227 13.57 -7.73 31.53
CA GLU G 227 12.38 -8.57 31.23
C GLU G 227 12.29 -8.76 29.70
N LEU G 228 12.47 -7.67 28.95
CA LEU G 228 12.37 -7.69 27.47
C LEU G 228 13.53 -8.49 26.88
N CYS G 229 14.68 -8.54 27.54
CA CYS G 229 15.85 -9.34 27.08
C CYS G 229 15.49 -10.82 27.05
N HIS G 230 14.44 -11.21 27.78
CA HIS G 230 13.87 -12.57 27.73
C HIS G 230 12.68 -12.60 26.77
N SER G 231 11.66 -11.76 26.98
CA SER G 231 10.36 -11.92 26.30
C SER G 231 10.48 -11.59 24.81
N VAL G 232 11.33 -10.64 24.45
CA VAL G 232 11.45 -10.24 23.02
C VAL G 232 12.00 -11.44 22.24
N PRO G 233 13.17 -12.00 22.59
CA PRO G 233 13.69 -13.16 21.86
C PRO G 233 12.74 -14.35 21.91
N LYS G 234 12.00 -14.51 23.00
CA LYS G 234 11.01 -15.60 23.10
C LYS G 234 9.93 -15.42 22.03
N GLU G 235 9.63 -14.20 21.62
CA GLU G 235 8.62 -13.95 20.57
C GLU G 235 9.13 -14.53 19.25
N VAL G 236 10.42 -14.39 18.99
CA VAL G 236 11.06 -14.88 17.74
C VAL G 236 10.97 -16.41 17.75
N VAL G 237 11.26 -17.03 18.88
CA VAL G 237 11.11 -18.52 19.05
C VAL G 237 9.69 -18.95 18.70
N GLN G 238 8.66 -18.17 19.07
CA GLN G 238 7.23 -18.46 18.87
C GLN G 238 6.86 -18.35 17.38
N LEU G 239 7.60 -17.57 16.60
CA LEU G 239 7.45 -17.56 15.12
C LEU G 239 7.90 -18.93 14.59
N GLU G 251 8.21 -17.52 2.93
CA GLU G 251 7.26 -17.26 4.05
C GLU G 251 8.05 -16.85 5.30
N ASP G 252 9.05 -17.66 5.68
CA ASP G 252 9.81 -17.57 6.96
C ASP G 252 10.47 -16.20 7.08
N PHE G 253 11.04 -15.75 5.96
CA PHE G 253 11.74 -14.43 5.83
C PHE G 253 10.72 -13.29 6.01
N ALA G 254 9.57 -13.40 5.34
CA ALA G 254 8.50 -12.38 5.33
C ALA G 254 7.87 -12.26 6.73
N ALA G 255 7.60 -13.42 7.35
CA ALA G 255 7.09 -13.53 8.74
C ALA G 255 7.97 -12.72 9.68
N PHE G 256 9.29 -12.84 9.56
CA PHE G 256 10.26 -12.18 10.46
C PHE G 256 10.22 -10.66 10.26
N ARG G 257 10.25 -10.22 9.00
CA ARG G 257 10.39 -8.79 8.63
C ARG G 257 9.15 -8.04 9.11
N ALA G 258 8.00 -8.71 9.10
CA ALA G 258 6.69 -8.20 9.59
C ALA G 258 6.71 -8.05 11.12
N TRP G 259 7.38 -8.96 11.83
CA TRP G 259 7.53 -8.95 13.32
C TRP G 259 8.38 -7.75 13.77
N LEU G 260 9.44 -7.43 13.03
CA LEU G 260 10.38 -6.32 13.35
C LEU G 260 9.60 -5.01 13.44
N ARG G 261 9.89 -4.19 14.45
CA ARG G 261 9.34 -2.82 14.60
C ARG G 261 10.41 -1.78 14.28
N CYS G 262 11.70 -2.11 14.36
CA CYS G 262 12.77 -1.07 14.37
C CYS G 262 13.95 -1.45 13.46
N TYR G 263 14.54 -2.61 13.66
CA TYR G 263 15.77 -3.01 12.91
C TYR G 263 15.49 -2.94 11.41
N GLY G 264 16.16 -2.03 10.72
CA GLY G 264 16.14 -1.87 9.25
C GLY G 264 14.82 -1.34 8.72
N MET G 265 13.97 -0.75 9.57
CA MET G 265 12.62 -0.28 9.16
C MET G 265 12.68 1.12 8.59
N PRO G 266 11.87 1.43 7.56
CA PRO G 266 11.80 2.77 7.00
C PRO G 266 11.45 3.78 8.10
N GLY G 267 12.00 5.00 8.00
CA GLY G 267 11.76 6.11 8.95
C GLY G 267 12.50 5.96 10.27
N MET G 268 13.45 5.02 10.37
CA MET G 268 14.29 4.83 11.57
C MET G 268 15.68 5.42 11.32
N SER G 269 16.30 5.99 12.36
CA SER G 269 17.72 6.40 12.35
C SER G 269 18.60 5.14 12.44
N SER G 270 19.89 5.27 12.09
CA SER G 270 20.93 4.23 12.31
C SER G 270 22.28 4.92 12.53
N LEU G 271 23.09 4.42 13.48
CA LEU G 271 24.49 4.88 13.69
C LEU G 271 25.40 3.66 13.84
N GLN G 272 26.71 3.85 13.70
CA GLN G 272 27.74 2.83 14.02
C GLN G 272 28.15 2.99 15.49
N ASP G 273 28.13 1.88 16.25
CA ASP G 273 28.78 1.78 17.59
C ASP G 273 30.30 1.70 17.40
N ARG G 274 31.05 1.58 18.49
CA ARG G 274 32.52 1.73 18.47
C ARG G 274 33.17 0.51 17.81
N HIS G 275 32.43 -0.58 17.57
CA HIS G 275 32.95 -1.78 16.86
C HIS G 275 32.41 -1.84 15.42
N GLY G 276 31.80 -0.75 14.94
CA GLY G 276 31.32 -0.60 13.55
C GLY G 276 30.05 -1.40 13.27
N ARG G 277 29.29 -1.80 14.29
CA ARG G 277 27.99 -2.50 14.13
C ARG G 277 26.85 -1.48 14.16
N THR G 278 25.89 -1.63 13.25
CA THR G 278 24.78 -0.67 13.02
C THR G 278 23.72 -0.87 14.12
N ILE G 279 23.40 0.20 14.86
CA ILE G 279 22.26 0.24 15.81
C ILE G 279 21.11 1.04 15.18
N TRP G 280 19.94 0.40 15.04
CA TRP G 280 18.66 1.04 14.59
C TRP G 280 17.87 1.54 15.79
N PHE G 281 17.27 2.73 15.68
CA PHE G 281 16.54 3.43 16.77
C PHE G 281 15.63 4.52 16.21
N GLN G 282 14.79 5.05 17.10
CA GLN G 282 13.92 6.22 16.86
C GLN G 282 14.36 7.36 17.78
N GLY G 283 14.48 8.57 17.24
CA GLY G 283 14.63 9.82 17.99
C GLY G 283 16.05 10.01 18.54
N ASP G 284 16.14 10.28 19.84
CA ASP G 284 17.36 10.77 20.53
C ASP G 284 18.43 9.69 20.40
N PRO G 285 19.59 9.99 19.77
CA PRO G 285 20.70 9.03 19.75
C PRO G 285 21.25 8.74 21.16
N GLY G 286 21.33 9.75 22.04
CA GLY G 286 21.82 9.60 23.42
C GLY G 286 23.18 10.27 23.62
N PRO G 287 23.61 10.49 24.89
CA PRO G 287 24.82 11.26 25.16
C PRO G 287 26.14 10.73 24.56
N LEU G 288 26.41 9.42 24.61
CA LEU G 288 27.75 8.83 24.31
C LEU G 288 27.90 8.50 22.82
N ALA G 289 27.14 9.17 21.94
CA ALA G 289 27.32 9.16 20.47
C ALA G 289 28.74 9.61 20.12
#